data_5UPE
#
_entry.id   5UPE
#
_cell.length_a   61.073
_cell.length_b   106.448
_cell.length_c   83.109
_cell.angle_alpha   90.000
_cell.angle_beta   96.630
_cell.angle_gamma   90.000
#
_symmetry.space_group_name_H-M   'P 1 21 1'
#
loop_
_entity.id
_entity.type
_entity.pdbx_description
1 polymer 'Nicotinamide phosphoribosyltransferase'
2 non-polymer N-{4-[(3-phenylpropyl)carbamoyl]phenyl}-2H-isoindole-2-carboxamide
3 water water
#
_entity_poly.entity_id   1
_entity_poly.type   'polypeptide(L)'
_entity_poly.pdbx_seq_one_letter_code
;MNPAAEAEFNILLATDSYKVTHYKQYPPNTSKVYSYFECREKKTENSKLRKVKYEETVFYGLQYILNKYLKGKVVTKEKI
QEAKDVYKEHFQDDVFNEKGWNYILEKYDGHLPIEIKAVPEGFVIPRGNVLFTVENTDPECYWLTNWIETILVQSWYPIT
VATNSREQKKILAKYLLETSGNLDGLEYKLHDFGYRGVSSQETAGIGASAHLVNFKGTDTVAGLALIKKYYGTKDPVPGY
SVPAAEHSTITAWGKDHEKDAFEHIVTQFSSVPVSVVSDSYDIYNACEKIWGEDLRHLIVSRSTQAPLIIRPDSGNPLDT
VLKVLEILGKKFPVTENSKGYKLLPPYLRVIQGDGVDINTLQEIVEGMKQKMWSIENIAFGSGGGLLQKLTRDLLNCSFK
CSYVVTNGLGINVFKDPVADPNKRSKKGRLSLHRTPAGNFVTLEEGKGDLEEYGQDLLHTVFKNGKVTKSYSFDEIRKNA
QLNIELEAAHHDYKDDDDK
;
_entity_poly.pdbx_strand_id   A,B
#
loop_
_chem_comp.id
_chem_comp.type
_chem_comp.name
_chem_comp.formula
8HY non-polymer N-{4-[(3-phenylpropyl)carbamoyl]phenyl}-2H-isoindole-2-carboxamide 'C25 H23 N3 O2'
#
# COMPACT_ATOMS: atom_id res chain seq x y z
N PHE A 9 13.17 5.18 14.19
CA PHE A 9 11.75 5.56 14.29
C PHE A 9 11.48 6.54 15.45
N ASN A 10 10.79 7.61 15.13
CA ASN A 10 10.43 8.62 16.12
C ASN A 10 8.90 8.82 16.13
N ILE A 11 8.23 8.30 17.16
CA ILE A 11 6.77 8.42 17.37
C ILE A 11 6.26 9.90 17.36
N LEU A 12 7.14 10.88 17.69
CA LEU A 12 6.80 12.30 17.68
C LEU A 12 6.69 12.78 16.25
N LEU A 13 7.27 12.03 15.28
CA LEU A 13 7.18 12.37 13.86
C LEU A 13 6.31 11.34 13.09
N ALA A 14 5.54 10.48 13.81
CA ALA A 14 4.71 9.43 13.21
C ALA A 14 3.18 9.69 13.38
N THR A 15 2.75 10.91 13.13
CA THR A 15 1.36 11.34 13.22
C THR A 15 1.04 12.28 12.05
N ASP A 16 -0.25 12.55 11.81
CA ASP A 16 -0.59 13.56 10.82
C ASP A 16 -0.16 14.89 11.44
N SER A 17 0.52 15.74 10.66
CA SER A 17 1.02 17.05 11.12
C SER A 17 0.03 17.83 11.96
N TYR A 18 -1.24 17.93 11.50
CA TYR A 18 -2.24 18.73 12.22
C TYR A 18 -2.45 18.29 13.69
N LYS A 19 -2.15 17.03 14.03
CA LYS A 19 -2.29 16.51 15.40
C LYS A 19 -1.31 17.17 16.36
N VAL A 20 -0.24 17.76 15.83
CA VAL A 20 0.75 18.50 16.62
C VAL A 20 0.06 19.72 17.27
N THR A 21 -0.98 20.27 16.63
CA THR A 21 -1.73 21.47 17.08
C THR A 21 -2.98 21.19 17.92
N HIS A 22 -3.37 19.91 18.08
CA HIS A 22 -4.63 19.58 18.76
C HIS A 22 -4.66 19.80 20.28
N TYR A 23 -3.52 19.71 20.99
CA TYR A 23 -3.49 19.92 22.44
C TYR A 23 -4.02 21.31 22.84
N LYS A 24 -3.96 22.29 21.91
CA LYS A 24 -4.44 23.66 22.07
C LYS A 24 -5.92 23.81 21.70
N GLN A 25 -6.56 22.73 21.20
CA GLN A 25 -7.93 22.80 20.68
C GLN A 25 -9.01 22.11 21.51
N TYR A 26 -8.61 21.16 22.34
CA TYR A 26 -9.50 20.46 23.26
C TYR A 26 -10.08 21.44 24.28
N PRO A 27 -11.26 21.19 24.89
CA PRO A 27 -11.74 22.12 25.91
C PRO A 27 -10.76 22.20 27.06
N PRO A 28 -10.57 23.39 27.68
CA PRO A 28 -9.68 23.45 28.85
C PRO A 28 -10.18 22.54 29.95
N ASN A 29 -9.25 22.05 30.79
CA ASN A 29 -9.54 21.16 31.91
C ASN A 29 -10.05 19.79 31.48
N THR A 30 -9.58 19.29 30.33
CA THR A 30 -9.93 17.96 29.83
C THR A 30 -8.89 17.02 30.43
N SER A 31 -9.33 16.01 31.20
CA SER A 31 -8.41 15.08 31.85
C SER A 31 -8.35 13.70 31.16
N LYS A 32 -9.39 13.38 30.37
CA LYS A 32 -9.54 12.09 29.69
C LYS A 32 -10.06 12.28 28.27
N VAL A 33 -9.45 11.58 27.30
CA VAL A 33 -9.92 11.50 25.90
C VAL A 33 -9.93 9.99 25.63
N TYR A 34 -11.11 9.46 25.36
CA TYR A 34 -11.34 8.04 25.12
C TYR A 34 -11.86 7.89 23.70
N SER A 35 -11.17 7.03 22.93
CA SER A 35 -11.48 6.83 21.53
C SER A 35 -11.56 5.36 21.19
N TYR A 36 -12.25 5.03 20.09
CA TYR A 36 -12.43 3.65 19.71
C TYR A 36 -12.24 3.46 18.21
N PHE A 37 -11.98 2.22 17.82
CA PHE A 37 -11.83 1.81 16.42
C PHE A 37 -12.94 0.87 16.03
N GLU A 38 -13.53 1.08 14.87
CA GLU A 38 -14.54 0.14 14.34
C GLU A 38 -14.45 0.07 12.81
N CYS A 39 -15.04 -0.98 12.22
CA CYS A 39 -15.16 -1.12 10.77
C CYS A 39 -16.66 -0.81 10.57
N ARG A 40 -16.96 0.45 10.31
CA ARG A 40 -18.33 0.98 10.21
C ARG A 40 -19.18 0.23 9.24
N GLU A 41 -20.45 0.03 9.63
CA GLU A 41 -21.49 -0.67 8.89
C GLU A 41 -22.22 0.32 8.00
N TYR A 54 -18.95 -7.84 2.73
CA TYR A 54 -18.02 -7.96 3.88
C TYR A 54 -18.71 -7.70 5.23
N GLU A 55 -19.60 -8.60 5.64
CA GLU A 55 -20.41 -8.44 6.85
C GLU A 55 -19.64 -8.61 8.16
N GLU A 56 -18.48 -9.28 8.11
CA GLU A 56 -17.69 -9.54 9.31
C GLU A 56 -16.24 -9.36 9.00
N THR A 57 -15.46 -8.92 9.99
CA THR A 57 -14.04 -8.65 9.78
C THR A 57 -13.16 -9.50 10.67
N VAL A 58 -11.95 -9.80 10.22
CA VAL A 58 -10.94 -10.54 10.98
C VAL A 58 -10.10 -9.49 11.66
N PHE A 59 -10.05 -9.53 13.00
CA PHE A 59 -9.25 -8.55 13.70
C PHE A 59 -7.81 -9.03 13.80
N TYR A 60 -6.94 -8.43 13.03
CA TYR A 60 -5.56 -8.87 13.07
C TYR A 60 -4.64 -7.72 12.78
N GLY A 61 -3.50 -7.68 13.46
CA GLY A 61 -2.46 -6.71 13.15
C GLY A 61 -2.02 -5.74 14.22
N LEU A 62 -2.88 -5.51 15.21
CA LEU A 62 -2.64 -4.56 16.30
C LEU A 62 -1.35 -4.92 17.06
N GLN A 63 -1.16 -6.20 17.39
CA GLN A 63 0.00 -6.68 18.16
C GLN A 63 1.34 -6.29 17.51
N TYR A 64 1.42 -6.36 16.18
CA TYR A 64 2.61 -5.94 15.42
C TYR A 64 2.92 -4.44 15.73
N ILE A 65 1.90 -3.59 15.58
CA ILE A 65 1.97 -2.13 15.82
C ILE A 65 2.40 -1.81 17.28
N LEU A 66 1.75 -2.44 18.27
CA LEU A 66 2.06 -2.24 19.70
C LEU A 66 3.54 -2.54 19.98
N ASN A 67 4.06 -3.65 19.43
CA ASN A 67 5.44 -4.07 19.65
C ASN A 67 6.46 -3.27 18.89
N LYS A 68 6.22 -3.03 17.59
CA LYS A 68 7.18 -2.32 16.77
C LYS A 68 7.28 -0.83 17.07
N TYR A 69 6.14 -0.19 17.40
CA TYR A 69 6.08 1.25 17.52
C TYR A 69 5.68 1.87 18.86
N LEU A 70 4.84 1.19 19.65
CA LEU A 70 4.31 1.86 20.84
C LEU A 70 4.91 1.49 22.18
N LYS A 71 5.51 0.32 22.30
CA LYS A 71 6.01 -0.18 23.59
C LYS A 71 7.38 0.34 23.97
N GLY A 72 7.66 0.30 25.27
CA GLY A 72 8.94 0.70 25.85
C GLY A 72 9.17 2.19 25.83
N LYS A 73 10.45 2.59 25.93
CA LYS A 73 10.87 3.98 25.94
C LYS A 73 10.80 4.50 24.53
N VAL A 74 9.68 5.17 24.21
CA VAL A 74 9.48 5.69 22.86
C VAL A 74 9.85 7.16 22.75
N VAL A 75 10.09 7.82 23.88
CA VAL A 75 10.44 9.24 23.99
C VAL A 75 11.83 9.38 24.60
N THR A 76 12.69 10.17 23.96
CA THR A 76 14.03 10.51 24.46
C THR A 76 14.20 12.03 24.31
N LYS A 77 15.25 12.60 24.96
CA LYS A 77 15.52 14.04 24.81
C LYS A 77 15.85 14.37 23.35
N GLU A 78 16.57 13.47 22.66
CA GLU A 78 16.98 13.60 21.25
C GLU A 78 15.76 13.58 20.31
N LYS A 79 14.77 12.74 20.59
CA LYS A 79 13.54 12.64 19.78
C LYS A 79 12.69 13.90 19.92
N ILE A 80 12.62 14.45 21.16
CA ILE A 80 11.87 15.68 21.42
C ILE A 80 12.51 16.84 20.62
N GLN A 81 13.86 16.93 20.71
CA GLN A 81 14.63 17.96 20.01
C GLN A 81 14.49 17.85 18.49
N GLU A 82 14.59 16.61 17.94
CA GLU A 82 14.45 16.33 16.50
C GLU A 82 13.06 16.83 16.02
N ALA A 83 11.97 16.41 16.73
CA ALA A 83 10.60 16.80 16.41
C ALA A 83 10.41 18.30 16.47
N LYS A 84 10.95 18.95 17.53
CA LYS A 84 10.87 20.41 17.71
C LYS A 84 11.43 21.15 16.48
N ASP A 85 12.60 20.73 16.00
CA ASP A 85 13.31 21.33 14.86
C ASP A 85 12.58 21.12 13.54
N VAL A 86 12.00 19.91 13.37
CA VAL A 86 11.25 19.56 12.16
C VAL A 86 9.94 20.38 12.13
N TYR A 87 9.17 20.38 13.22
CA TYR A 87 7.91 21.11 13.29
C TYR A 87 8.08 22.63 13.14
N LYS A 88 9.21 23.20 13.64
CA LYS A 88 9.50 24.64 13.50
C LYS A 88 9.49 25.02 12.01
N GLU A 89 10.16 24.24 11.19
CA GLU A 89 10.26 24.46 9.76
C GLU A 89 8.99 24.05 9.02
N HIS A 90 8.37 22.92 9.44
CA HIS A 90 7.20 22.38 8.75
C HIS A 90 6.00 23.30 8.88
N PHE A 91 5.81 23.90 10.07
CA PHE A 91 4.72 24.84 10.29
C PHE A 91 5.13 26.31 10.12
N GLN A 92 6.46 26.59 10.07
CA GLN A 92 7.00 27.97 10.03
C GLN A 92 6.53 28.69 11.32
N ASP A 93 6.36 27.92 12.41
CA ASP A 93 5.82 28.36 13.71
C ASP A 93 6.22 27.34 14.79
N ASP A 94 6.26 27.76 16.07
CA ASP A 94 6.69 26.88 17.16
C ASP A 94 5.56 26.04 17.81
N VAL A 95 4.47 25.76 17.06
CA VAL A 95 3.34 24.93 17.48
C VAL A 95 3.84 23.48 17.56
N PHE A 96 4.42 23.11 18.69
CA PHE A 96 4.88 21.77 19.09
C PHE A 96 4.87 21.68 20.62
N ASN A 97 4.09 20.73 21.17
CA ASN A 97 3.95 20.52 22.61
C ASN A 97 5.18 19.87 23.26
N GLU A 98 6.27 20.63 23.35
CA GLU A 98 7.51 20.18 23.97
C GLU A 98 7.29 19.84 25.45
N LYS A 99 6.50 20.66 26.18
CA LYS A 99 6.18 20.46 27.60
C LYS A 99 5.47 19.12 27.87
N GLY A 100 4.44 18.81 27.08
CA GLY A 100 3.70 17.57 27.18
C GLY A 100 4.57 16.32 26.99
N TRP A 101 5.44 16.37 25.98
CA TRP A 101 6.37 15.27 25.66
C TRP A 101 7.47 15.13 26.69
N ASN A 102 7.97 16.28 27.21
CA ASN A 102 8.97 16.28 28.28
C ASN A 102 8.41 15.68 29.54
N TYR A 103 7.09 15.89 29.80
CA TYR A 103 6.36 15.34 30.95
C TYR A 103 6.40 13.81 30.92
N ILE A 104 6.05 13.19 29.79
CA ILE A 104 6.09 11.75 29.56
C ILE A 104 7.51 11.21 29.79
N LEU A 105 8.53 11.87 29.20
CA LEU A 105 9.92 11.46 29.39
C LEU A 105 10.33 11.51 30.89
N GLU A 106 9.99 12.60 31.61
CA GLU A 106 10.40 12.73 33.01
C GLU A 106 9.62 11.85 33.99
N LYS A 107 8.28 11.79 33.84
CA LYS A 107 7.42 11.04 34.74
C LYS A 107 7.42 9.54 34.48
N TYR A 108 7.40 9.15 33.20
CA TYR A 108 7.28 7.74 32.82
C TYR A 108 8.46 7.13 32.10
N ASP A 109 9.62 7.81 32.10
CA ASP A 109 10.84 7.36 31.41
C ASP A 109 10.55 7.01 29.92
N GLY A 110 9.81 7.90 29.26
CA GLY A 110 9.45 7.79 27.85
C GLY A 110 8.44 6.73 27.48
N HIS A 111 7.74 6.15 28.48
CA HIS A 111 6.71 5.11 28.26
C HIS A 111 5.37 5.81 28.12
N LEU A 112 4.54 5.39 27.13
CA LEU A 112 3.25 6.05 26.91
C LEU A 112 2.19 5.75 27.95
N PRO A 113 1.67 6.80 28.66
CA PRO A 113 0.59 6.57 29.64
C PRO A 113 -0.76 6.44 28.93
N ILE A 114 -0.90 5.34 28.19
CA ILE A 114 -2.06 4.96 27.39
C ILE A 114 -2.51 3.57 27.80
N GLU A 115 -3.82 3.31 27.74
CA GLU A 115 -4.39 1.99 27.96
C GLU A 115 -5.16 1.61 26.68
N ILE A 116 -4.80 0.47 26.04
CA ILE A 116 -5.49 -0.04 24.85
C ILE A 116 -6.14 -1.37 25.21
N LYS A 117 -7.46 -1.44 24.99
CA LYS A 117 -8.25 -2.65 25.20
C LYS A 117 -8.69 -3.09 23.82
N ALA A 118 -8.56 -4.40 23.52
CA ALA A 118 -8.88 -4.92 22.20
C ALA A 118 -9.52 -6.32 22.26
N VAL A 119 -10.30 -6.62 21.23
CA VAL A 119 -10.91 -7.91 20.99
C VAL A 119 -9.72 -8.86 20.63
N PRO A 120 -9.74 -10.16 21.01
CA PRO A 120 -8.56 -11.01 20.74
C PRO A 120 -8.25 -11.12 19.25
N GLU A 121 -6.98 -11.16 18.92
CA GLU A 121 -6.58 -11.26 17.50
C GLU A 121 -7.03 -12.59 16.87
N GLY A 122 -7.51 -12.47 15.63
CA GLY A 122 -8.06 -13.58 14.87
C GLY A 122 -9.58 -13.58 14.97
N PHE A 123 -10.14 -12.86 15.99
CA PHE A 123 -11.60 -12.78 16.18
C PHE A 123 -12.32 -12.30 14.92
N VAL A 124 -13.45 -12.91 14.64
CA VAL A 124 -14.27 -12.58 13.47
C VAL A 124 -15.50 -11.88 13.99
N ILE A 125 -15.57 -10.57 13.77
CA ILE A 125 -16.62 -9.72 14.34
C ILE A 125 -17.47 -9.06 13.27
N PRO A 126 -18.81 -8.98 13.42
CA PRO A 126 -19.59 -8.23 12.44
C PRO A 126 -19.22 -6.75 12.42
N ARG A 127 -19.47 -6.09 11.29
CA ARG A 127 -19.24 -4.66 11.08
C ARG A 127 -20.02 -3.84 12.09
N GLY A 128 -19.44 -2.70 12.49
CA GLY A 128 -20.08 -1.72 13.36
C GLY A 128 -19.96 -2.01 14.82
N ASN A 129 -18.95 -2.75 15.21
CA ASN A 129 -18.70 -3.13 16.57
C ASN A 129 -17.36 -2.61 16.97
N VAL A 130 -17.23 -2.24 18.23
CA VAL A 130 -15.96 -1.78 18.76
C VAL A 130 -14.91 -2.91 18.62
N LEU A 131 -13.73 -2.57 18.14
CA LEU A 131 -12.67 -3.58 18.00
C LEU A 131 -11.55 -3.33 19.01
N PHE A 132 -11.25 -2.06 19.24
CA PHE A 132 -10.27 -1.64 20.23
C PHE A 132 -10.62 -0.24 20.74
N THR A 133 -10.17 0.10 21.94
CA THR A 133 -10.37 1.42 22.57
C THR A 133 -9.02 1.90 23.08
N VAL A 134 -8.85 3.24 23.09
CA VAL A 134 -7.63 3.92 23.51
C VAL A 134 -8.03 5.04 24.47
N GLU A 135 -7.30 5.17 25.57
CA GLU A 135 -7.53 6.24 26.54
C GLU A 135 -6.22 6.53 27.24
N ASN A 136 -6.03 7.78 27.66
CA ASN A 136 -4.82 8.14 28.41
C ASN A 136 -5.05 7.70 29.88
N THR A 137 -3.98 7.33 30.58
CA THR A 137 -4.05 6.90 31.98
C THR A 137 -3.60 8.02 32.94
N ASP A 138 -3.07 9.12 32.40
CA ASP A 138 -2.64 10.30 33.16
C ASP A 138 -3.43 11.50 32.66
N PRO A 139 -4.07 12.30 33.58
CA PRO A 139 -4.83 13.49 33.15
C PRO A 139 -4.07 14.49 32.29
N GLU A 140 -2.75 14.59 32.52
CA GLU A 140 -1.89 15.49 31.75
C GLU A 140 -1.74 15.07 30.28
N CYS A 141 -2.02 13.79 29.98
CA CYS A 141 -1.79 13.24 28.64
C CYS A 141 -3.06 12.99 27.87
N TYR A 142 -4.08 13.83 28.12
CA TYR A 142 -5.37 13.81 27.42
C TYR A 142 -5.17 13.90 25.87
N TRP A 143 -4.16 14.66 25.40
CA TRP A 143 -3.84 14.88 24.00
C TRP A 143 -3.19 13.65 23.31
N LEU A 144 -2.64 12.70 24.09
CA LEU A 144 -1.92 11.53 23.56
C LEU A 144 -2.82 10.52 22.88
N THR A 145 -4.07 10.34 23.37
CA THR A 145 -5.03 9.39 22.81
C THR A 145 -5.13 9.52 21.29
N ASN A 146 -5.43 10.71 20.81
CA ASN A 146 -5.59 10.92 19.38
C ASN A 146 -4.28 11.23 18.64
N TRP A 147 -3.17 11.45 19.37
CA TRP A 147 -1.86 11.63 18.73
C TRP A 147 -1.52 10.33 17.97
N ILE A 148 -1.72 9.17 18.63
CA ILE A 148 -1.40 7.83 18.10
C ILE A 148 -2.53 7.25 17.23
N GLU A 149 -3.55 8.06 16.90
CA GLU A 149 -4.61 7.61 15.99
C GLU A 149 -4.01 7.19 14.66
N THR A 150 -3.10 8.00 14.07
CA THR A 150 -2.55 7.74 12.74
C THR A 150 -1.89 6.35 12.65
N ILE A 151 -1.02 6.02 13.64
CA ILE A 151 -0.29 4.75 13.70
C ILE A 151 -1.27 3.56 13.90
N LEU A 152 -2.26 3.71 14.79
CA LEU A 152 -3.21 2.65 15.10
C LEU A 152 -4.21 2.42 13.99
N VAL A 153 -4.62 3.50 13.27
CA VAL A 153 -5.60 3.39 12.18
C VAL A 153 -5.03 2.55 11.04
N GLN A 154 -3.68 2.49 10.91
CA GLN A 154 -3.00 1.67 9.90
C GLN A 154 -3.27 0.17 10.08
N SER A 155 -3.91 -0.20 11.23
CA SER A 155 -4.35 -1.58 11.49
C SER A 155 -5.40 -1.92 10.44
N TRP A 156 -5.99 -0.89 9.77
CA TRP A 156 -7.01 -1.14 8.72
C TRP A 156 -6.44 -2.13 7.69
N TYR A 157 -5.12 -2.04 7.39
CA TYR A 157 -4.50 -2.77 6.33
C TYR A 157 -4.43 -4.27 6.66
N PRO A 158 -3.79 -4.75 7.76
CA PRO A 158 -3.82 -6.21 8.01
C PRO A 158 -5.24 -6.73 8.28
N ILE A 159 -6.15 -5.90 8.82
CA ILE A 159 -7.54 -6.32 9.04
C ILE A 159 -8.22 -6.60 7.67
N THR A 160 -8.05 -5.69 6.71
CA THR A 160 -8.68 -5.79 5.39
C THR A 160 -8.07 -6.94 4.57
N VAL A 161 -6.74 -7.11 4.62
CA VAL A 161 -6.09 -8.21 3.87
C VAL A 161 -6.61 -9.53 4.47
N ALA A 162 -6.59 -9.66 5.81
CA ALA A 162 -7.08 -10.88 6.48
C ALA A 162 -8.55 -11.17 6.14
N THR A 163 -9.39 -10.16 6.20
CA THR A 163 -10.85 -10.28 5.93
C THR A 163 -11.11 -10.69 4.46
N ASN A 164 -10.49 -9.97 3.49
CA ASN A 164 -10.66 -10.24 2.07
C ASN A 164 -10.13 -11.64 1.70
N SER A 165 -9.01 -12.03 2.31
CA SER A 165 -8.42 -13.34 2.06
C SER A 165 -9.38 -14.44 2.61
N ARG A 166 -9.97 -14.22 3.80
CA ARG A 166 -10.89 -15.19 4.44
C ARG A 166 -12.18 -15.29 3.61
N GLU A 167 -12.62 -14.17 3.03
CA GLU A 167 -13.80 -14.14 2.17
C GLU A 167 -13.54 -14.99 0.91
N GLN A 168 -12.30 -15.01 0.41
CA GLN A 168 -11.94 -15.83 -0.76
C GLN A 168 -11.87 -17.30 -0.38
N LYS A 169 -11.44 -17.59 0.87
CA LYS A 169 -11.41 -18.95 1.43
C LYS A 169 -12.83 -19.50 1.50
N LYS A 170 -13.82 -18.67 1.89
CA LYS A 170 -15.24 -19.02 1.95
C LYS A 170 -15.74 -19.47 0.59
N ILE A 171 -15.45 -18.70 -0.48
CA ILE A 171 -15.83 -19.05 -1.86
C ILE A 171 -15.17 -20.38 -2.30
N LEU A 172 -13.87 -20.51 -2.03
CA LEU A 172 -13.10 -21.69 -2.39
C LEU A 172 -13.62 -22.91 -1.66
N ALA A 173 -13.96 -22.75 -0.36
CA ALA A 173 -14.48 -23.85 0.46
C ALA A 173 -15.82 -24.33 -0.07
N LYS A 174 -16.71 -23.41 -0.42
CA LYS A 174 -18.03 -23.73 -0.94
C LYS A 174 -17.96 -24.59 -2.25
N TYR A 175 -17.15 -24.16 -3.22
CA TYR A 175 -16.98 -24.81 -4.52
C TYR A 175 -16.15 -26.09 -4.45
N LEU A 176 -15.11 -26.16 -3.59
CA LEU A 176 -14.33 -27.35 -3.39
C LEU A 176 -15.24 -28.46 -2.75
N LEU A 177 -16.04 -28.09 -1.72
CA LEU A 177 -16.97 -29.02 -1.06
C LEU A 177 -18.04 -29.52 -2.02
N GLU A 178 -18.58 -28.63 -2.85
CA GLU A 178 -19.59 -28.97 -3.83
C GLU A 178 -19.08 -29.91 -4.91
N THR A 179 -17.88 -29.64 -5.43
CA THR A 179 -17.35 -30.42 -6.56
C THR A 179 -16.48 -31.63 -6.16
N SER A 180 -16.01 -31.74 -4.91
CA SER A 180 -15.14 -32.85 -4.50
C SER A 180 -15.66 -33.65 -3.27
N GLY A 181 -16.50 -33.03 -2.47
CA GLY A 181 -17.08 -33.66 -1.29
C GLY A 181 -16.26 -33.46 -0.03
N ASN A 182 -15.16 -32.68 -0.14
CA ASN A 182 -14.31 -32.37 1.01
C ASN A 182 -13.56 -31.05 0.79
N LEU A 183 -12.69 -30.70 1.77
CA LEU A 183 -11.93 -29.46 1.74
C LEU A 183 -10.44 -29.76 1.70
N ASP A 184 -10.02 -30.98 1.30
CA ASP A 184 -8.60 -31.31 1.28
C ASP A 184 -7.84 -30.29 0.43
N GLY A 185 -6.72 -29.82 0.95
CA GLY A 185 -5.86 -28.85 0.26
C GLY A 185 -6.38 -27.44 0.16
N LEU A 186 -7.52 -27.13 0.84
CA LEU A 186 -8.11 -25.78 0.84
C LEU A 186 -7.13 -24.67 1.21
N GLU A 187 -6.29 -24.88 2.25
CA GLU A 187 -5.31 -23.93 2.76
C GLU A 187 -4.14 -23.62 1.78
N TYR A 188 -4.06 -24.32 0.66
CA TYR A 188 -3.01 -24.14 -0.33
C TYR A 188 -3.60 -23.63 -1.67
N LYS A 189 -4.91 -23.41 -1.72
CA LYS A 189 -5.61 -23.01 -2.95
C LYS A 189 -5.50 -21.52 -3.33
N LEU A 190 -5.09 -20.66 -2.40
CA LEU A 190 -4.90 -19.23 -2.71
C LEU A 190 -3.51 -18.86 -2.27
N HIS A 191 -2.59 -18.73 -3.23
CA HIS A 191 -1.18 -18.43 -3.01
C HIS A 191 -0.87 -16.95 -3.18
N ASP A 192 -0.07 -16.42 -2.28
CA ASP A 192 0.32 -15.01 -2.32
C ASP A 192 1.45 -14.79 -3.31
N PHE A 193 1.14 -14.05 -4.40
CA PHE A 193 2.09 -13.67 -5.48
C PHE A 193 2.39 -12.15 -5.43
N GLY A 194 1.96 -11.48 -4.37
CA GLY A 194 1.94 -10.04 -4.25
C GLY A 194 3.16 -9.23 -3.89
N TYR A 195 4.31 -9.86 -3.64
CA TYR A 195 5.50 -9.12 -3.20
C TYR A 195 5.85 -7.87 -4.09
N ARG A 196 5.99 -8.05 -5.40
CA ARG A 196 6.34 -6.97 -6.31
C ARG A 196 5.26 -5.89 -6.49
N GLY A 197 3.98 -6.30 -6.31
CA GLY A 197 2.83 -5.45 -6.53
C GLY A 197 2.41 -4.60 -5.35
N VAL A 198 3.14 -4.67 -4.21
CA VAL A 198 2.82 -3.83 -3.04
C VAL A 198 3.66 -2.55 -3.04
N SER A 199 3.27 -1.57 -2.21
CA SER A 199 3.89 -0.28 -2.17
C SER A 199 5.24 -0.23 -1.47
N SER A 200 5.56 -1.21 -0.63
CA SER A 200 6.83 -1.21 0.12
C SER A 200 7.17 -2.56 0.71
N GLN A 201 8.41 -2.70 1.21
CA GLN A 201 8.88 -3.90 1.91
C GLN A 201 8.09 -4.10 3.19
N GLU A 202 7.81 -3.02 3.94
CA GLU A 202 7.08 -3.15 5.18
C GLU A 202 5.65 -3.63 4.93
N THR A 203 4.99 -3.06 3.91
CA THR A 203 3.62 -3.47 3.53
C THR A 203 3.63 -4.96 3.15
N ALA A 204 4.68 -5.38 2.41
CA ALA A 204 4.79 -6.77 1.98
C ALA A 204 4.70 -7.72 3.17
N GLY A 205 5.54 -7.50 4.20
CA GLY A 205 5.51 -8.33 5.42
C GLY A 205 4.17 -8.34 6.12
N ILE A 206 3.59 -7.16 6.37
CA ILE A 206 2.29 -7.07 7.06
C ILE A 206 1.19 -7.77 6.26
N GLY A 207 1.13 -7.46 4.97
CA GLY A 207 0.13 -8.01 4.07
C GLY A 207 0.24 -9.52 3.91
N ALA A 208 1.45 -10.01 3.68
CA ALA A 208 1.64 -11.45 3.51
C ALA A 208 1.31 -12.18 4.83
N SER A 209 1.55 -11.54 5.99
CA SER A 209 1.26 -12.18 7.28
C SER A 209 -0.26 -12.31 7.48
N ALA A 210 -1.01 -11.28 7.06
CA ALA A 210 -2.48 -11.25 7.15
C ALA A 210 -3.12 -12.32 6.25
N HIS A 211 -2.53 -12.58 5.07
CA HIS A 211 -2.99 -13.67 4.19
C HIS A 211 -2.74 -15.04 4.86
N LEU A 212 -1.60 -15.16 5.57
CA LEU A 212 -1.23 -16.38 6.29
C LEU A 212 -2.15 -16.72 7.47
N VAL A 213 -3.03 -15.80 7.86
CA VAL A 213 -4.03 -16.08 8.87
C VAL A 213 -4.99 -17.18 8.33
N ASN A 214 -5.26 -17.15 7.00
CA ASN A 214 -6.23 -18.06 6.40
C ASN A 214 -5.62 -19.20 5.53
N PHE A 215 -4.46 -18.95 4.94
CA PHE A 215 -3.80 -19.87 4.01
C PHE A 215 -2.37 -20.19 4.42
N LYS A 216 -1.77 -21.19 3.75
CA LYS A 216 -0.41 -21.61 4.03
C LYS A 216 0.55 -21.39 2.88
N GLY A 217 0.04 -20.96 1.73
CA GLY A 217 0.87 -20.76 0.55
C GLY A 217 1.24 -19.31 0.32
N THR A 218 2.54 -19.04 0.30
CA THR A 218 3.07 -17.69 0.10
C THR A 218 4.44 -17.68 -0.60
N ASP A 219 4.66 -16.67 -1.44
CA ASP A 219 5.95 -16.36 -2.06
C ASP A 219 6.50 -15.05 -1.52
N THR A 220 5.72 -14.40 -0.66
CA THR A 220 6.14 -13.15 -0.04
C THR A 220 6.87 -13.52 1.24
N VAL A 221 8.18 -13.79 1.10
CA VAL A 221 9.11 -14.22 2.15
C VAL A 221 9.03 -13.31 3.41
N ALA A 222 8.90 -11.99 3.17
CA ALA A 222 8.80 -10.95 4.21
C ALA A 222 7.78 -11.26 5.33
N GLY A 223 6.67 -11.89 4.97
CA GLY A 223 5.63 -12.29 5.92
C GLY A 223 6.06 -13.31 6.97
N LEU A 224 7.01 -14.20 6.63
CA LEU A 224 7.51 -15.25 7.53
C LEU A 224 8.26 -14.66 8.73
N ALA A 225 9.18 -13.69 8.51
CA ALA A 225 9.98 -13.07 9.58
C ALA A 225 9.12 -12.25 10.51
N LEU A 226 8.09 -11.58 9.94
CA LEU A 226 7.15 -10.78 10.74
C LEU A 226 6.40 -11.67 11.75
N ILE A 227 5.88 -12.81 11.28
CA ILE A 227 5.12 -13.74 12.13
C ILE A 227 6.02 -14.29 13.24
N LYS A 228 7.22 -14.75 12.87
CA LYS A 228 8.23 -15.31 13.76
C LYS A 228 8.55 -14.31 14.91
N LYS A 229 8.84 -13.04 14.57
CA LYS A 229 9.22 -11.99 15.52
C LYS A 229 8.07 -11.46 16.38
N TYR A 230 6.87 -11.27 15.81
CA TYR A 230 5.78 -10.65 16.56
C TYR A 230 4.69 -11.55 17.05
N TYR A 231 4.50 -12.73 16.43
CA TYR A 231 3.39 -13.61 16.82
C TYR A 231 3.83 -15.00 17.26
N GLY A 232 4.62 -15.68 16.43
CA GLY A 232 5.16 -17.01 16.70
C GLY A 232 4.23 -18.16 16.34
N THR A 233 4.82 -19.24 15.79
CA THR A 233 4.11 -20.48 15.44
C THR A 233 4.86 -21.68 16.05
N LYS A 234 4.14 -22.76 16.42
CA LYS A 234 4.71 -24.03 16.91
C LYS A 234 5.56 -24.63 15.76
N ASP A 235 5.03 -24.56 14.52
CA ASP A 235 5.72 -24.99 13.31
C ASP A 235 6.91 -24.08 13.00
N PRO A 236 8.00 -24.61 12.35
CA PRO A 236 9.16 -23.74 12.04
C PRO A 236 8.82 -22.52 11.17
N VAL A 237 7.84 -22.65 10.23
CA VAL A 237 7.39 -21.56 9.35
C VAL A 237 5.86 -21.57 9.18
N PRO A 238 5.22 -20.37 9.04
CA PRO A 238 3.75 -20.35 8.84
C PRO A 238 3.31 -20.56 7.38
N GLY A 239 4.26 -20.48 6.45
CA GLY A 239 3.97 -20.54 5.03
C GLY A 239 4.97 -21.26 4.17
N TYR A 240 4.48 -21.81 3.06
CA TYR A 240 5.25 -22.64 2.15
C TYR A 240 5.14 -22.24 0.69
N SER A 241 6.14 -22.65 -0.08
CA SER A 241 6.18 -22.42 -1.53
C SER A 241 6.74 -23.64 -2.27
N VAL A 242 6.53 -23.68 -3.60
CA VAL A 242 7.06 -24.72 -4.48
C VAL A 242 7.99 -24.05 -5.52
N PRO A 243 8.95 -24.80 -6.11
CA PRO A 243 9.76 -24.22 -7.18
C PRO A 243 8.82 -23.85 -8.33
N ALA A 244 9.13 -22.78 -9.04
CA ALA A 244 8.27 -22.30 -10.10
C ALA A 244 9.10 -21.50 -11.07
N ALA A 245 8.72 -21.51 -12.34
CA ALA A 245 9.40 -20.75 -13.38
C ALA A 245 8.77 -19.36 -13.51
N GLU A 246 9.53 -18.44 -14.11
CA GLU A 246 9.07 -17.12 -14.50
C GLU A 246 9.33 -16.99 -15.96
N HIS A 247 8.79 -15.94 -16.60
CA HIS A 247 9.03 -15.75 -18.04
C HIS A 247 10.50 -15.70 -18.39
N SER A 248 11.33 -15.07 -17.57
CA SER A 248 12.77 -14.99 -17.81
C SER A 248 13.44 -16.34 -17.90
N THR A 249 13.06 -17.33 -17.04
CA THR A 249 13.74 -18.64 -17.06
C THR A 249 13.35 -19.45 -18.27
N ILE A 250 12.16 -19.19 -18.88
CA ILE A 250 11.71 -19.86 -20.11
C ILE A 250 12.30 -19.13 -21.36
N THR A 251 12.02 -17.81 -21.46
CA THR A 251 12.41 -17.00 -22.62
C THR A 251 13.92 -16.96 -22.86
N ALA A 252 14.73 -17.07 -21.79
CA ALA A 252 16.20 -17.07 -21.90
C ALA A 252 16.74 -18.19 -22.80
N TRP A 253 15.97 -19.29 -22.99
CA TRP A 253 16.34 -20.44 -23.84
C TRP A 253 16.19 -20.10 -25.30
N GLY A 254 15.40 -19.07 -25.59
CA GLY A 254 15.14 -18.61 -26.96
C GLY A 254 13.78 -19.03 -27.40
N LYS A 255 13.15 -18.26 -28.30
CA LYS A 255 11.78 -18.53 -28.80
C LYS A 255 11.59 -19.93 -29.39
N ASP A 256 12.61 -20.49 -30.06
CA ASP A 256 12.53 -21.84 -30.65
C ASP A 256 12.86 -22.97 -29.69
N HIS A 257 13.21 -22.66 -28.45
CA HIS A 257 13.62 -23.70 -27.48
C HIS A 257 12.77 -23.77 -26.21
N GLU A 258 11.47 -23.43 -26.32
CA GLU A 258 10.53 -23.47 -25.20
C GLU A 258 10.39 -24.92 -24.65
N LYS A 259 10.37 -25.90 -25.55
CA LYS A 259 10.29 -27.32 -25.19
C LYS A 259 11.54 -27.71 -24.36
N ASP A 260 12.73 -27.21 -24.75
CA ASP A 260 14.00 -27.47 -24.03
C ASP A 260 13.99 -26.86 -22.64
N ALA A 261 13.45 -25.62 -22.49
CA ALA A 261 13.33 -24.94 -21.21
C ALA A 261 12.45 -25.81 -20.32
N PHE A 262 11.25 -26.17 -20.80
CA PHE A 262 10.29 -27.01 -20.07
C PHE A 262 10.89 -28.33 -19.62
N GLU A 263 11.54 -29.03 -20.56
CA GLU A 263 12.17 -30.31 -20.30
C GLU A 263 13.23 -30.18 -19.19
N HIS A 264 14.11 -29.17 -19.29
CA HIS A 264 15.16 -28.91 -18.29
C HIS A 264 14.58 -28.65 -16.91
N ILE A 265 13.53 -27.82 -16.84
CA ILE A 265 12.93 -27.42 -15.57
C ILE A 265 12.24 -28.61 -14.86
N VAL A 266 11.41 -29.37 -15.58
CA VAL A 266 10.72 -30.53 -14.98
C VAL A 266 11.74 -31.62 -14.60
N THR A 267 12.89 -31.70 -15.29
CA THR A 267 13.93 -32.69 -14.94
C THR A 267 14.70 -32.24 -13.69
N GLN A 268 15.01 -30.92 -13.59
CA GLN A 268 15.66 -30.35 -12.39
C GLN A 268 14.78 -30.53 -11.16
N PHE A 269 13.45 -30.44 -11.33
CA PHE A 269 12.51 -30.58 -10.19
C PHE A 269 11.59 -31.81 -10.42
N SER A 270 12.20 -32.96 -10.76
CA SER A 270 11.47 -34.21 -11.05
C SER A 270 10.74 -34.83 -9.86
N SER A 271 11.27 -34.62 -8.63
CA SER A 271 10.82 -35.21 -7.36
C SER A 271 9.98 -34.29 -6.47
N VAL A 272 9.87 -33.01 -6.82
CA VAL A 272 9.07 -32.04 -6.04
C VAL A 272 8.01 -31.42 -6.97
N PRO A 273 6.91 -30.80 -6.42
CA PRO A 273 5.96 -30.14 -7.33
C PRO A 273 6.67 -28.96 -8.01
N VAL A 274 6.28 -28.68 -9.26
CA VAL A 274 6.91 -27.59 -10.01
C VAL A 274 5.86 -26.91 -10.84
N SER A 275 5.85 -25.58 -10.76
CA SER A 275 4.95 -24.75 -11.51
C SER A 275 5.72 -24.24 -12.71
N VAL A 276 5.13 -24.29 -13.89
CA VAL A 276 5.80 -23.86 -15.09
C VAL A 276 4.88 -22.96 -15.89
N VAL A 277 5.30 -21.68 -16.01
CA VAL A 277 4.59 -20.66 -16.79
C VAL A 277 4.63 -21.09 -18.24
N SER A 278 3.46 -21.21 -18.89
CA SER A 278 3.42 -21.80 -20.21
C SER A 278 2.85 -20.93 -21.30
N ASP A 279 2.63 -19.63 -21.01
CA ASP A 279 2.03 -18.68 -21.94
C ASP A 279 3.03 -17.70 -22.59
N SER A 280 4.36 -17.92 -22.44
CA SER A 280 5.38 -17.02 -23.03
C SER A 280 5.08 -16.68 -24.47
N TYR A 281 4.67 -17.69 -25.28
CA TYR A 281 4.40 -17.50 -26.71
C TYR A 281 3.00 -17.87 -27.09
N ASP A 282 2.55 -19.08 -26.72
CA ASP A 282 1.21 -19.59 -27.03
C ASP A 282 0.90 -20.67 -25.99
N ILE A 283 0.09 -20.31 -25.02
CA ILE A 283 -0.36 -21.21 -23.94
C ILE A 283 -1.06 -22.46 -24.45
N TYR A 284 -1.90 -22.33 -25.47
CA TYR A 284 -2.71 -23.40 -25.99
C TYR A 284 -1.84 -24.43 -26.75
N ASN A 285 -0.81 -23.95 -27.46
CA ASN A 285 0.17 -24.79 -28.14
C ASN A 285 1.03 -25.50 -27.11
N ALA A 286 1.48 -24.79 -26.05
CA ALA A 286 2.32 -25.39 -25.00
C ALA A 286 1.55 -26.54 -24.32
N CYS A 287 0.26 -26.34 -24.03
CA CYS A 287 -0.57 -27.35 -23.40
C CYS A 287 -0.83 -28.53 -24.34
N GLU A 288 -1.27 -28.26 -25.57
CA GLU A 288 -1.61 -29.31 -26.52
C GLU A 288 -0.42 -30.05 -27.14
N LYS A 289 0.61 -29.32 -27.58
CA LYS A 289 1.73 -29.94 -28.29
C LYS A 289 2.97 -30.20 -27.44
N ILE A 290 3.34 -29.26 -26.54
CA ILE A 290 4.58 -29.45 -25.77
C ILE A 290 4.34 -30.37 -24.60
N TRP A 291 3.46 -29.98 -23.66
CA TRP A 291 3.15 -30.84 -22.51
C TRP A 291 2.31 -32.03 -22.97
N GLY A 292 1.38 -31.78 -23.90
CA GLY A 292 0.42 -32.78 -24.33
C GLY A 292 0.97 -33.87 -25.23
N GLU A 293 2.09 -33.61 -25.91
CA GLU A 293 2.65 -34.59 -26.85
C GLU A 293 4.14 -34.80 -26.66
N ASP A 294 4.99 -33.80 -26.99
CA ASP A 294 6.45 -33.88 -26.91
C ASP A 294 7.00 -34.25 -25.55
N LEU A 295 6.42 -33.68 -24.48
CA LEU A 295 6.93 -33.92 -23.12
C LEU A 295 6.01 -34.73 -22.26
N ARG A 296 4.92 -35.25 -22.83
CA ARG A 296 3.91 -36.07 -22.13
C ARG A 296 4.52 -37.23 -21.32
N HIS A 297 5.59 -37.88 -21.82
CA HIS A 297 6.27 -38.98 -21.13
C HIS A 297 6.96 -38.57 -19.82
N LEU A 298 7.33 -37.30 -19.70
CA LEU A 298 8.00 -36.78 -18.51
C LEU A 298 6.97 -36.32 -17.48
N ILE A 299 5.71 -36.16 -17.89
CA ILE A 299 4.63 -35.70 -17.02
C ILE A 299 3.92 -36.90 -16.38
N VAL A 300 3.46 -37.87 -17.21
CA VAL A 300 2.72 -39.05 -16.75
C VAL A 300 3.51 -39.95 -15.76
N SER A 301 4.84 -39.83 -15.73
CA SER A 301 5.73 -40.58 -14.84
C SER A 301 5.89 -39.90 -13.47
N ARG A 302 5.39 -38.66 -13.31
CA ARG A 302 5.53 -37.92 -12.04
C ARG A 302 4.69 -38.45 -10.90
N SER A 303 5.20 -38.28 -9.68
CA SER A 303 4.56 -38.66 -8.44
C SER A 303 3.37 -37.74 -8.13
N THR A 304 2.42 -38.26 -7.34
CA THR A 304 1.24 -37.59 -6.83
C THR A 304 1.64 -36.44 -5.87
N GLN A 305 2.83 -36.57 -5.21
CA GLN A 305 3.35 -35.56 -4.29
C GLN A 305 4.23 -34.54 -5.05
N ALA A 306 4.39 -34.73 -6.37
CA ALA A 306 5.26 -33.88 -7.18
C ALA A 306 4.61 -33.60 -8.54
N PRO A 307 3.38 -33.05 -8.59
CA PRO A 307 2.79 -32.80 -9.90
C PRO A 307 3.47 -31.67 -10.68
N LEU A 308 3.15 -31.61 -11.98
CA LEU A 308 3.48 -30.48 -12.82
C LEU A 308 2.25 -29.59 -12.65
N ILE A 309 2.50 -28.33 -12.34
CA ILE A 309 1.47 -27.33 -12.21
C ILE A 309 1.62 -26.39 -13.41
N ILE A 310 0.67 -26.48 -14.35
CA ILE A 310 0.73 -25.62 -15.53
C ILE A 310 0.23 -24.23 -15.15
N ARG A 311 0.99 -23.16 -15.53
CA ARG A 311 0.57 -21.82 -15.20
C ARG A 311 0.26 -20.91 -16.40
N PRO A 312 -1.03 -20.69 -16.76
CA PRO A 312 -1.33 -19.65 -17.76
C PRO A 312 -1.12 -18.29 -17.05
N ASP A 313 -0.81 -17.22 -17.80
CA ASP A 313 -0.55 -15.93 -17.15
C ASP A 313 -1.03 -14.71 -17.96
N SER A 314 -1.94 -14.91 -18.90
CA SER A 314 -2.45 -13.85 -19.76
C SER A 314 -3.81 -14.27 -20.32
N GLY A 315 -4.51 -13.33 -20.93
CA GLY A 315 -5.83 -13.58 -21.50
C GLY A 315 -6.91 -13.39 -20.47
N ASN A 316 -8.16 -13.63 -20.87
CA ASN A 316 -9.32 -13.57 -19.98
C ASN A 316 -9.12 -14.70 -18.97
N PRO A 317 -9.03 -14.40 -17.65
CA PRO A 317 -8.76 -15.48 -16.65
C PRO A 317 -9.67 -16.70 -16.73
N LEU A 318 -11.00 -16.51 -16.86
CA LEU A 318 -11.93 -17.63 -16.96
C LEU A 318 -11.84 -18.37 -18.29
N ASP A 319 -11.82 -17.63 -19.44
CA ASP A 319 -11.77 -18.30 -20.73
C ASP A 319 -10.50 -19.10 -20.90
N THR A 320 -9.37 -18.55 -20.41
CA THR A 320 -8.08 -19.23 -20.49
C THR A 320 -8.09 -20.50 -19.67
N VAL A 321 -8.55 -20.43 -18.41
CA VAL A 321 -8.64 -21.60 -17.50
C VAL A 321 -9.46 -22.71 -18.11
N LEU A 322 -10.67 -22.39 -18.62
CA LEU A 322 -11.55 -23.38 -19.23
C LEU A 322 -10.94 -24.03 -20.46
N LYS A 323 -10.28 -23.24 -21.32
CA LYS A 323 -9.67 -23.77 -22.54
C LYS A 323 -8.46 -24.63 -22.23
N VAL A 324 -7.66 -24.24 -21.24
CA VAL A 324 -6.50 -25.03 -20.81
C VAL A 324 -6.99 -26.40 -20.28
N LEU A 325 -8.06 -26.39 -19.44
CA LEU A 325 -8.61 -27.65 -18.90
C LEU A 325 -9.17 -28.54 -20.01
N GLU A 326 -9.86 -27.94 -21.01
CA GLU A 326 -10.41 -28.71 -22.12
C GLU A 326 -9.30 -29.35 -22.96
N ILE A 327 -8.21 -28.62 -23.20
CA ILE A 327 -7.05 -29.14 -23.90
C ILE A 327 -6.44 -30.30 -23.10
N LEU A 328 -6.08 -30.05 -21.82
CA LEU A 328 -5.44 -31.05 -20.98
C LEU A 328 -6.28 -32.30 -20.81
N GLY A 329 -7.60 -32.12 -20.69
CA GLY A 329 -8.55 -33.21 -20.57
C GLY A 329 -8.56 -34.12 -21.79
N LYS A 330 -8.13 -33.59 -22.95
CA LYS A 330 -8.12 -34.39 -24.18
C LYS A 330 -6.76 -35.03 -24.42
N LYS A 331 -5.71 -34.61 -23.70
CA LYS A 331 -4.36 -35.18 -23.83
C LYS A 331 -4.01 -36.11 -22.68
N PHE A 332 -4.69 -35.96 -21.55
CA PHE A 332 -4.39 -36.75 -20.37
C PHE A 332 -5.58 -37.55 -19.87
N PRO A 333 -5.34 -38.66 -19.13
CA PRO A 333 -6.46 -39.48 -18.62
C PRO A 333 -7.33 -38.83 -17.51
N VAL A 334 -8.50 -38.36 -17.88
CA VAL A 334 -9.38 -37.69 -16.92
C VAL A 334 -10.32 -38.70 -16.24
N THR A 335 -10.50 -38.56 -14.93
CA THR A 335 -11.45 -39.40 -14.19
C THR A 335 -12.65 -38.55 -13.78
N GLU A 336 -13.70 -39.19 -13.23
CA GLU A 336 -14.87 -38.52 -12.77
C GLU A 336 -14.99 -38.92 -11.33
N ASN A 337 -15.01 -37.94 -10.43
CA ASN A 337 -15.05 -38.20 -9.02
C ASN A 337 -16.45 -38.60 -8.57
N SER A 338 -16.60 -38.92 -7.27
CA SER A 338 -17.88 -39.36 -6.73
C SER A 338 -19.04 -38.33 -6.88
N LYS A 339 -18.72 -37.04 -7.09
CA LYS A 339 -19.72 -35.98 -7.24
C LYS A 339 -20.09 -35.69 -8.71
N GLY A 340 -19.43 -36.39 -9.64
CA GLY A 340 -19.68 -36.24 -11.07
C GLY A 340 -18.82 -35.20 -11.75
N TYR A 341 -17.74 -34.75 -11.08
CA TYR A 341 -16.85 -33.73 -11.62
C TYR A 341 -15.53 -34.31 -12.12
N LYS A 342 -15.05 -33.75 -13.22
CA LYS A 342 -13.84 -34.17 -13.90
C LYS A 342 -12.62 -33.81 -13.12
N LEU A 343 -11.69 -34.74 -13.09
CA LEU A 343 -10.46 -34.61 -12.34
C LEU A 343 -9.28 -35.02 -13.20
N LEU A 344 -8.31 -34.09 -13.32
CA LEU A 344 -7.07 -34.35 -14.05
C LEU A 344 -6.31 -35.44 -13.30
N PRO A 345 -5.35 -36.16 -13.95
CA PRO A 345 -4.58 -37.15 -13.19
C PRO A 345 -3.79 -36.47 -12.08
N PRO A 346 -3.39 -37.21 -11.02
CA PRO A 346 -2.75 -36.56 -9.87
C PRO A 346 -1.38 -35.91 -10.12
N TYR A 347 -0.71 -36.24 -11.20
CA TYR A 347 0.60 -35.65 -11.51
C TYR A 347 0.44 -34.31 -12.30
N LEU A 348 -0.80 -33.86 -12.52
CA LEU A 348 -1.07 -32.66 -13.31
C LEU A 348 -2.11 -31.74 -12.67
N ARG A 349 -1.72 -30.49 -12.44
CA ARG A 349 -2.59 -29.45 -11.88
C ARG A 349 -2.40 -28.14 -12.64
N VAL A 350 -3.25 -27.15 -12.33
CA VAL A 350 -3.24 -25.84 -12.97
C VAL A 350 -3.26 -24.78 -11.86
N ILE A 351 -2.62 -23.64 -12.10
CA ILE A 351 -2.63 -22.48 -11.22
C ILE A 351 -2.90 -21.27 -12.08
N GLN A 352 -3.95 -20.52 -11.75
CA GLN A 352 -4.27 -19.29 -12.46
C GLN A 352 -3.70 -18.18 -11.55
N GLY A 353 -2.65 -17.51 -12.01
CA GLY A 353 -1.96 -16.48 -11.24
C GLY A 353 -1.95 -15.08 -11.83
N ASP A 354 -2.82 -14.82 -12.81
CA ASP A 354 -2.96 -13.51 -13.43
C ASP A 354 -4.41 -13.01 -13.25
N GLY A 355 -4.55 -11.75 -12.88
CA GLY A 355 -5.83 -11.06 -12.70
C GLY A 355 -6.79 -11.68 -11.70
N VAL A 356 -6.25 -12.30 -10.64
CA VAL A 356 -7.06 -12.92 -9.59
C VAL A 356 -7.33 -11.94 -8.46
N ASP A 357 -8.61 -11.69 -8.25
CA ASP A 357 -9.12 -10.89 -7.13
C ASP A 357 -10.37 -11.62 -6.65
N ILE A 358 -11.08 -11.10 -5.64
CA ILE A 358 -12.23 -11.82 -5.09
C ILE A 358 -13.34 -12.01 -6.15
N ASN A 359 -13.52 -11.05 -7.07
CA ASN A 359 -14.55 -11.17 -8.10
C ASN A 359 -14.23 -12.17 -9.20
N THR A 360 -12.99 -12.18 -9.69
CA THR A 360 -12.62 -13.12 -10.75
C THR A 360 -12.47 -14.54 -10.19
N LEU A 361 -11.99 -14.71 -8.94
CA LEU A 361 -11.89 -16.03 -8.29
C LEU A 361 -13.27 -16.70 -8.31
N GLN A 362 -14.31 -15.95 -7.93
CA GLN A 362 -15.70 -16.35 -7.94
C GLN A 362 -16.20 -16.73 -9.35
N GLU A 363 -15.90 -15.90 -10.38
CA GLU A 363 -16.29 -16.17 -11.75
C GLU A 363 -15.63 -17.46 -12.26
N ILE A 364 -14.35 -17.69 -11.90
CA ILE A 364 -13.61 -18.87 -12.35
C ILE A 364 -14.19 -20.14 -11.72
N VAL A 365 -14.34 -20.19 -10.39
CA VAL A 365 -14.85 -21.42 -9.75
C VAL A 365 -16.29 -21.75 -10.23
N GLU A 366 -17.14 -20.73 -10.41
CA GLU A 366 -18.50 -20.93 -10.91
C GLU A 366 -18.48 -21.46 -12.37
N GLY A 367 -17.59 -20.90 -13.20
CA GLY A 367 -17.41 -21.29 -14.59
C GLY A 367 -16.86 -22.70 -14.73
N MET A 368 -15.98 -23.09 -13.80
CA MET A 368 -15.44 -24.45 -13.75
C MET A 368 -16.54 -25.46 -13.37
N LYS A 369 -17.35 -25.11 -12.36
CA LYS A 369 -18.45 -25.94 -11.87
C LYS A 369 -19.50 -26.16 -12.98
N GLN A 370 -19.78 -25.10 -13.77
CA GLN A 370 -20.74 -25.14 -14.91
C GLN A 370 -20.24 -26.08 -15.99
N LYS A 371 -18.89 -26.15 -16.18
CA LYS A 371 -18.26 -27.04 -17.17
C LYS A 371 -17.86 -28.40 -16.57
N MET A 372 -18.37 -28.73 -15.36
CA MET A 372 -18.18 -29.99 -14.63
C MET A 372 -16.74 -30.32 -14.26
N TRP A 373 -15.92 -29.29 -14.01
CA TRP A 373 -14.52 -29.45 -13.60
C TRP A 373 -14.41 -29.26 -12.10
N SER A 374 -13.77 -30.19 -11.44
CA SER A 374 -13.61 -30.10 -10.00
C SER A 374 -12.64 -28.97 -9.65
N ILE A 375 -12.88 -28.29 -8.52
CA ILE A 375 -12.00 -27.25 -8.00
C ILE A 375 -10.68 -27.85 -7.49
N GLU A 376 -10.63 -29.21 -7.28
CA GLU A 376 -9.36 -29.82 -6.86
C GLU A 376 -8.29 -29.71 -7.97
N ASN A 377 -8.70 -29.41 -9.21
CA ASN A 377 -7.79 -29.26 -10.34
C ASN A 377 -6.96 -27.98 -10.33
N ILE A 378 -7.44 -26.95 -9.60
CA ILE A 378 -6.90 -25.61 -9.67
C ILE A 378 -6.49 -25.00 -8.35
N ALA A 379 -5.53 -24.08 -8.42
CA ALA A 379 -5.09 -23.23 -7.32
C ALA A 379 -5.05 -21.83 -7.94
N PHE A 380 -5.07 -20.82 -7.10
CA PHE A 380 -5.02 -19.45 -7.55
C PHE A 380 -3.82 -18.77 -6.95
N GLY A 381 -3.20 -17.92 -7.72
CA GLY A 381 -2.09 -17.07 -7.29
C GLY A 381 -2.63 -15.65 -7.43
N SER A 382 -2.59 -14.86 -6.33
CA SER A 382 -3.08 -13.49 -6.36
C SER A 382 -2.03 -12.54 -5.87
N GLY A 383 -1.80 -11.46 -6.63
CA GLY A 383 -0.80 -10.44 -6.34
C GLY A 383 -1.41 -9.16 -5.80
N GLY A 384 -1.59 -8.18 -6.69
CA GLY A 384 -2.22 -6.90 -6.35
C GLY A 384 -3.63 -7.02 -5.78
N GLY A 385 -4.41 -7.96 -6.31
CA GLY A 385 -5.76 -8.21 -5.83
C GLY A 385 -5.79 -8.61 -4.35
N LEU A 386 -4.79 -9.39 -3.93
CA LEU A 386 -4.69 -9.89 -2.55
C LEU A 386 -4.14 -8.89 -1.54
N LEU A 387 -3.05 -8.19 -1.89
CA LEU A 387 -2.32 -7.29 -1.01
C LEU A 387 -2.34 -5.79 -1.31
N GLN A 388 -2.62 -5.37 -2.56
CA GLN A 388 -2.54 -3.94 -2.87
C GLN A 388 -3.86 -3.23 -3.20
N LYS A 389 -4.75 -3.90 -3.91
CA LYS A 389 -6.01 -3.30 -4.37
C LYS A 389 -7.05 -3.29 -3.24
N LEU A 390 -6.70 -2.61 -2.15
CA LEU A 390 -7.53 -2.48 -0.95
C LEU A 390 -7.34 -1.12 -0.40
N THR A 391 -8.41 -0.56 0.16
CA THR A 391 -8.34 0.75 0.81
C THR A 391 -9.06 0.73 2.13
N ARG A 392 -8.86 1.79 2.92
CA ARG A 392 -9.52 1.95 4.20
C ARG A 392 -11.06 2.09 4.00
N ASP A 393 -11.52 2.37 2.76
CA ASP A 393 -12.95 2.49 2.45
C ASP A 393 -13.69 1.15 2.35
N LEU A 394 -12.99 0.03 2.10
CA LEU A 394 -13.59 -1.27 1.90
C LEU A 394 -14.38 -1.71 3.13
N LEU A 395 -13.76 -1.65 4.34
CA LEU A 395 -14.43 -1.97 5.61
C LEU A 395 -14.78 -0.72 6.44
N ASN A 396 -14.48 0.47 5.93
CA ASN A 396 -14.77 1.75 6.63
C ASN A 396 -14.19 1.81 8.01
N CYS A 397 -12.92 1.45 8.13
CA CYS A 397 -12.13 1.45 9.36
C CYS A 397 -11.96 2.89 9.80
N SER A 398 -12.36 3.17 11.04
CA SER A 398 -12.43 4.54 11.54
C SER A 398 -12.13 4.57 13.05
N PHE A 399 -11.44 5.62 13.46
CA PHE A 399 -11.06 5.85 14.84
C PHE A 399 -11.71 7.15 15.25
N LYS A 400 -12.54 7.12 16.31
CA LYS A 400 -13.28 8.31 16.74
C LYS A 400 -13.32 8.46 18.24
N CYS A 401 -13.33 9.72 18.71
CA CYS A 401 -13.47 10.03 20.12
C CYS A 401 -14.90 9.82 20.51
N SER A 402 -15.16 9.04 21.59
CA SER A 402 -16.52 8.79 22.03
C SER A 402 -16.78 9.25 23.48
N TYR A 403 -15.73 9.54 24.25
CA TYR A 403 -15.92 9.91 25.64
C TYR A 403 -14.82 10.82 26.09
N VAL A 404 -15.19 11.86 26.84
CA VAL A 404 -14.22 12.80 27.39
C VAL A 404 -14.59 13.17 28.83
N VAL A 405 -13.59 13.49 29.63
CA VAL A 405 -13.81 13.99 30.98
C VAL A 405 -13.25 15.42 30.99
N THR A 406 -14.13 16.41 31.24
CA THR A 406 -13.79 17.84 31.29
C THR A 406 -14.37 18.39 32.60
N ASN A 407 -13.52 19.00 33.44
CA ASN A 407 -13.88 19.53 34.77
C ASN A 407 -14.42 18.42 35.70
N GLY A 408 -13.83 17.23 35.58
CA GLY A 408 -14.20 16.03 36.34
C GLY A 408 -15.52 15.40 35.95
N LEU A 409 -16.16 15.91 34.88
CA LEU A 409 -17.45 15.41 34.42
C LEU A 409 -17.31 14.76 33.04
N GLY A 410 -17.66 13.48 32.99
CA GLY A 410 -17.62 12.70 31.77
C GLY A 410 -18.79 13.03 30.86
N ILE A 411 -18.51 13.21 29.56
CA ILE A 411 -19.55 13.49 28.56
C ILE A 411 -19.38 12.54 27.36
N ASN A 412 -20.51 12.09 26.82
CA ASN A 412 -20.58 11.16 25.69
C ASN A 412 -20.52 12.02 24.44
N VAL A 413 -19.44 11.86 23.67
CA VAL A 413 -19.21 12.68 22.49
C VAL A 413 -19.34 11.83 21.22
N PHE A 414 -19.57 12.49 20.09
CA PHE A 414 -19.80 11.79 18.83
C PHE A 414 -19.96 12.80 17.71
N LYS A 415 -19.85 12.32 16.48
CA LYS A 415 -20.12 13.14 15.31
C LYS A 415 -21.38 12.55 14.69
N ASP A 416 -22.17 13.37 14.00
CA ASP A 416 -23.38 12.92 13.34
C ASP A 416 -23.65 13.84 12.15
N PRO A 417 -22.86 13.72 11.04
CA PRO A 417 -23.01 14.65 9.90
C PRO A 417 -24.39 14.57 9.26
N VAL A 418 -25.02 15.73 9.03
CA VAL A 418 -26.38 15.82 8.45
C VAL A 418 -26.49 15.08 7.09
N ALA A 419 -25.50 15.27 6.20
CA ALA A 419 -25.52 14.67 4.86
C ALA A 419 -25.07 13.20 4.78
N ASP A 420 -24.53 12.63 5.89
CA ASP A 420 -24.10 11.25 5.88
C ASP A 420 -24.36 10.51 7.19
N PRO A 421 -25.57 9.92 7.34
CA PRO A 421 -25.88 9.11 8.55
C PRO A 421 -24.94 7.92 8.80
N ASN A 422 -24.29 7.39 7.75
CA ASN A 422 -23.33 6.29 7.91
C ASN A 422 -22.09 6.71 8.67
N LYS A 423 -21.80 8.03 8.70
CA LYS A 423 -20.63 8.58 9.41
C LYS A 423 -20.90 8.89 10.90
N ARG A 424 -22.12 8.60 11.39
CA ARG A 424 -22.44 8.77 12.80
C ARG A 424 -21.51 7.90 13.67
N SER A 425 -20.90 8.48 14.70
CA SER A 425 -20.02 7.71 15.56
C SER A 425 -20.72 7.29 16.88
N LYS A 426 -20.13 6.32 17.61
CA LYS A 426 -20.70 5.79 18.86
C LYS A 426 -20.49 6.76 20.03
N LYS A 427 -21.35 6.71 21.03
CA LYS A 427 -21.30 7.60 22.20
C LYS A 427 -20.89 6.88 23.46
N GLY A 428 -20.01 7.55 24.20
CA GLY A 428 -19.54 7.14 25.51
C GLY A 428 -18.58 6.00 25.59
N ARG A 429 -18.48 5.44 26.80
CA ARG A 429 -17.63 4.31 27.07
C ARG A 429 -18.25 3.07 26.44
N LEU A 430 -17.43 2.31 25.73
CA LEU A 430 -17.87 1.17 24.95
C LEU A 430 -17.40 -0.11 25.52
N SER A 431 -18.17 -1.16 25.27
CA SER A 431 -17.83 -2.52 25.67
C SER A 431 -18.41 -3.48 24.63
N LEU A 432 -17.72 -4.59 24.35
CA LEU A 432 -18.17 -5.59 23.40
C LEU A 432 -18.74 -6.87 24.15
N HIS A 433 -19.96 -7.25 23.85
CA HIS A 433 -20.58 -8.38 24.56
C HIS A 433 -21.14 -9.45 23.65
N ARG A 434 -21.33 -10.66 24.22
CA ARG A 434 -21.98 -11.80 23.58
C ARG A 434 -23.45 -11.58 23.85
N THR A 435 -24.32 -11.73 22.83
CA THR A 435 -25.77 -11.56 23.04
C THR A 435 -26.34 -12.93 23.52
N PRO A 436 -27.62 -13.05 23.96
CA PRO A 436 -28.14 -14.39 24.35
C PRO A 436 -28.12 -15.42 23.19
N ALA A 437 -28.25 -14.96 21.91
CA ALA A 437 -28.18 -15.86 20.72
C ALA A 437 -26.74 -16.20 20.30
N GLY A 438 -25.75 -15.73 21.07
CA GLY A 438 -24.33 -15.95 20.80
C GLY A 438 -23.72 -15.01 19.77
N ASN A 439 -24.39 -13.88 19.48
CA ASN A 439 -23.84 -12.90 18.54
C ASN A 439 -23.07 -11.83 19.30
N PHE A 440 -22.68 -10.76 18.61
CA PHE A 440 -21.94 -9.67 19.23
C PHE A 440 -22.80 -8.45 19.32
N VAL A 441 -22.61 -7.67 20.38
CA VAL A 441 -23.28 -6.38 20.57
C VAL A 441 -22.29 -5.41 21.18
N THR A 442 -22.25 -4.18 20.66
CA THR A 442 -21.46 -3.12 21.27
C THR A 442 -22.39 -2.30 22.15
N LEU A 443 -22.08 -2.21 23.46
CA LEU A 443 -22.87 -1.37 24.36
C LEU A 443 -22.23 0.00 24.45
N GLU A 444 -23.07 1.02 24.32
CA GLU A 444 -22.66 2.42 24.37
C GLU A 444 -23.02 3.04 25.72
N GLU A 445 -22.53 4.27 25.95
CA GLU A 445 -22.82 5.12 27.12
C GLU A 445 -22.50 4.46 28.47
N GLY A 446 -21.50 3.58 28.48
CA GLY A 446 -21.06 2.86 29.67
C GLY A 446 -22.06 1.84 30.16
N LYS A 447 -23.13 1.52 29.35
CA LYS A 447 -24.18 0.56 29.71
C LYS A 447 -23.64 -0.86 30.02
N GLY A 448 -22.43 -1.17 29.56
CA GLY A 448 -21.75 -2.43 29.85
C GLY A 448 -21.50 -2.60 31.34
N ASP A 449 -21.43 -1.46 32.08
CA ASP A 449 -21.23 -1.39 33.55
C ASP A 449 -22.39 -2.05 34.30
N LEU A 450 -23.61 -2.01 33.73
CA LEU A 450 -24.75 -2.76 34.25
C LEU A 450 -24.38 -4.20 33.88
N GLU A 451 -24.53 -5.14 34.78
CA GLU A 451 -24.07 -6.50 34.44
C GLU A 451 -25.14 -7.33 33.68
N GLU A 452 -25.83 -6.69 32.70
CA GLU A 452 -26.93 -7.25 31.92
C GLU A 452 -26.51 -8.23 30.84
N TYR A 453 -25.26 -8.14 30.40
CA TYR A 453 -24.68 -9.06 29.43
C TYR A 453 -23.50 -9.70 30.16
N GLY A 454 -22.76 -10.53 29.47
CA GLY A 454 -21.62 -11.21 30.09
C GLY A 454 -20.43 -10.29 30.28
N GLN A 455 -19.26 -10.88 30.26
CA GLN A 455 -18.03 -10.14 30.39
C GLN A 455 -17.75 -9.41 29.06
N ASP A 456 -17.11 -8.25 29.16
CA ASP A 456 -16.66 -7.44 28.03
C ASP A 456 -15.61 -8.30 27.30
N LEU A 457 -15.75 -8.43 25.97
CA LEU A 457 -14.81 -9.23 25.19
C LEU A 457 -13.51 -8.45 24.85
N LEU A 458 -13.40 -7.18 25.25
CA LEU A 458 -12.17 -6.40 25.05
C LEU A 458 -11.30 -6.65 26.24
N HIS A 459 -10.03 -6.93 26.01
CA HIS A 459 -9.06 -7.14 27.09
C HIS A 459 -7.96 -6.10 26.94
N THR A 460 -7.29 -5.72 28.05
CA THR A 460 -6.19 -4.77 28.04
C THR A 460 -5.03 -5.46 27.35
N VAL A 461 -4.52 -4.87 26.27
CA VAL A 461 -3.41 -5.41 25.49
C VAL A 461 -2.21 -4.52 25.62
N PHE A 462 -2.43 -3.29 26.07
CA PHE A 462 -1.36 -2.33 26.26
C PHE A 462 -1.72 -1.42 27.41
N LYS A 463 -0.76 -1.19 28.29
CA LYS A 463 -0.95 -0.28 29.40
C LYS A 463 0.40 0.28 29.83
N ASN A 464 0.54 1.62 29.79
CA ASN A 464 1.72 2.37 30.25
C ASN A 464 3.04 1.86 29.69
N GLY A 465 3.08 1.69 28.38
CA GLY A 465 4.29 1.28 27.66
C GLY A 465 4.58 -0.19 27.60
N LYS A 466 3.69 -1.01 28.17
CA LYS A 466 3.88 -2.46 28.17
C LYS A 466 2.75 -3.18 27.47
N VAL A 467 3.12 -4.21 26.68
CA VAL A 467 2.19 -5.12 26.03
C VAL A 467 1.78 -6.10 27.14
N THR A 468 0.50 -6.12 27.48
CA THR A 468 -0.03 -6.86 28.63
C THR A 468 -0.70 -8.17 28.28
N LYS A 469 -1.00 -8.37 26.99
CA LYS A 469 -1.67 -9.55 26.50
C LYS A 469 -1.24 -9.74 25.06
N SER A 470 -0.77 -10.94 24.73
CA SER A 470 -0.28 -11.33 23.41
C SER A 470 -0.93 -12.62 22.92
N TYR A 471 -0.97 -12.80 21.60
CA TYR A 471 -1.53 -13.99 20.98
C TYR A 471 -0.52 -14.59 20.05
N SER A 472 -0.46 -15.91 20.03
CA SER A 472 0.42 -16.59 19.10
C SER A 472 -0.30 -16.62 17.74
N PHE A 473 0.46 -16.83 16.68
CA PHE A 473 -0.13 -16.91 15.35
C PHE A 473 -1.03 -18.16 15.22
N ASP A 474 -0.78 -19.18 16.06
CA ASP A 474 -1.59 -20.39 16.14
C ASP A 474 -3.00 -20.09 16.69
N GLU A 475 -3.08 -19.26 17.74
CA GLU A 475 -4.35 -18.82 18.35
C GLU A 475 -5.16 -18.02 17.35
N ILE A 476 -4.48 -17.08 16.67
CA ILE A 476 -5.09 -16.22 15.66
C ILE A 476 -5.75 -17.05 14.53
N ARG A 477 -5.05 -18.06 13.96
CA ARG A 477 -5.56 -18.95 12.92
C ARG A 477 -6.80 -19.72 13.39
N LYS A 478 -6.75 -20.20 14.67
CA LYS A 478 -7.88 -20.92 15.27
C LYS A 478 -9.06 -19.96 15.40
N ASN A 479 -8.81 -18.70 15.87
CA ASN A 479 -9.93 -17.77 16.01
C ASN A 479 -10.55 -17.40 14.66
N ALA A 480 -9.73 -17.39 13.59
CA ALA A 480 -10.16 -16.98 12.25
C ALA A 480 -10.72 -18.10 11.36
N GLN A 481 -10.82 -19.33 11.89
CA GLN A 481 -11.32 -20.50 11.17
C GLN A 481 -12.71 -20.29 10.62
N LEU A 482 -13.01 -20.97 9.53
CA LEU A 482 -14.34 -20.90 8.93
C LEU A 482 -15.21 -21.88 9.70
N ASN A 483 -16.53 -21.61 9.80
CA ASN A 483 -17.51 -22.52 10.44
C ASN A 483 -17.49 -23.93 9.81
N ILE A 484 -17.57 -23.99 8.45
CA ILE A 484 -17.63 -25.20 7.59
C ILE A 484 -16.62 -26.30 8.03
N PHE B 9 17.39 -5.85 7.78
CA PHE B 9 17.01 -6.22 6.40
C PHE B 9 18.00 -7.21 5.78
N ASN B 10 17.45 -8.26 5.18
CA ASN B 10 18.23 -9.28 4.52
C ASN B 10 17.78 -9.44 3.07
N ILE B 11 18.57 -8.92 2.12
CA ILE B 11 18.31 -9.00 0.67
C ILE B 11 18.10 -10.47 0.16
N LEU B 12 18.64 -11.48 0.88
CA LEU B 12 18.48 -12.89 0.55
C LEU B 12 17.06 -13.33 0.87
N LEU B 13 16.35 -12.58 1.73
CA LEU B 13 14.95 -12.86 2.09
C LEU B 13 14.00 -11.78 1.54
N ALA B 14 14.47 -10.94 0.59
CA ALA B 14 13.68 -9.86 0.00
C ALA B 14 13.36 -10.07 -1.50
N THR B 15 12.95 -11.28 -1.84
CA THR B 15 12.58 -11.67 -3.20
C THR B 15 11.33 -12.59 -3.15
N ASP B 16 10.69 -12.80 -4.30
CA ASP B 16 9.61 -13.78 -4.33
C ASP B 16 10.28 -15.12 -4.15
N SER B 17 9.74 -15.98 -3.28
CA SER B 17 10.27 -17.33 -3.00
C SER B 17 10.70 -18.12 -4.23
N TYR B 18 9.89 -18.12 -5.29
CA TYR B 18 10.21 -18.92 -6.48
C TYR B 18 11.56 -18.51 -7.14
N LYS B 19 12.02 -17.28 -6.92
CA LYS B 19 13.31 -16.80 -7.46
C LYS B 19 14.50 -17.50 -6.85
N VAL B 20 14.31 -18.13 -5.69
CA VAL B 20 15.33 -18.91 -5.01
C VAL B 20 15.69 -20.14 -5.89
N THR B 21 14.74 -20.63 -6.69
CA THR B 21 14.89 -21.82 -7.55
C THR B 21 15.31 -21.53 -9.00
N HIS B 22 15.38 -20.25 -9.40
CA HIS B 22 15.65 -19.89 -10.79
C HIS B 22 17.09 -20.15 -11.29
N TYR B 23 18.11 -20.10 -10.42
CA TYR B 23 19.50 -20.35 -10.84
C TYR B 23 19.67 -21.74 -11.51
N LYS B 24 18.75 -22.69 -11.18
CA LYS B 24 18.72 -24.05 -11.72
C LYS B 24 17.90 -24.13 -13.02
N GLN B 25 17.28 -23.03 -13.44
CA GLN B 25 16.34 -23.06 -14.59
C GLN B 25 16.82 -22.37 -15.87
N TYR B 26 17.78 -21.46 -15.74
CA TYR B 26 18.39 -20.76 -16.85
C TYR B 26 19.14 -21.78 -17.74
N PRO B 27 19.34 -21.51 -19.04
CA PRO B 27 20.09 -22.46 -19.86
C PRO B 27 21.50 -22.62 -19.29
N PRO B 28 22.11 -23.82 -19.36
CA PRO B 28 23.48 -23.96 -18.86
C PRO B 28 24.43 -23.04 -19.60
N ASN B 29 25.51 -22.60 -18.94
CA ASN B 29 26.53 -21.70 -19.52
C ASN B 29 26.01 -20.31 -19.85
N THR B 30 25.05 -19.81 -19.03
CA THR B 30 24.52 -18.44 -19.19
C THR B 30 25.45 -17.55 -18.39
N SER B 31 26.07 -16.53 -19.03
CA SER B 31 27.03 -15.64 -18.35
C SER B 31 26.45 -14.25 -18.05
N LYS B 32 25.38 -13.87 -18.78
CA LYS B 32 24.73 -12.57 -18.69
C LYS B 32 23.22 -12.70 -18.75
N VAL B 33 22.51 -11.98 -17.85
CA VAL B 33 21.06 -11.84 -17.86
C VAL B 33 20.84 -10.31 -17.75
N TYR B 34 20.23 -9.74 -18.78
CA TYR B 34 19.98 -8.32 -18.90
C TYR B 34 18.48 -8.11 -18.94
N SER B 35 18.00 -7.24 -18.04
CA SER B 35 16.58 -6.98 -17.88
C SER B 35 16.28 -5.50 -17.81
N TYR B 36 15.03 -5.13 -18.12
CA TYR B 36 14.64 -3.73 -18.13
C TYR B 36 13.30 -3.50 -17.48
N PHE B 37 13.05 -2.26 -17.09
CA PHE B 37 11.78 -1.82 -16.50
C PHE B 37 11.10 -0.83 -17.41
N GLU B 38 9.80 -0.98 -17.59
CA GLU B 38 9.02 0.01 -18.37
C GLU B 38 7.59 0.12 -17.80
N CYS B 39 6.87 1.19 -18.15
CA CYS B 39 5.47 1.37 -17.81
C CYS B 39 4.79 1.13 -19.16
N ARG B 40 4.40 -0.11 -19.39
CA ARG B 40 3.87 -0.60 -20.66
C ARG B 40 2.69 0.17 -21.16
N GLU B 41 2.54 0.18 -22.50
CA GLU B 41 1.46 0.71 -23.33
C GLU B 41 1.71 2.14 -23.73
N TYR B 54 -3.12 8.45 -18.67
CA TYR B 54 -1.74 8.46 -18.16
C TYR B 54 -0.70 8.17 -19.26
N GLU B 55 -0.56 9.09 -20.20
CA GLU B 55 0.33 8.95 -21.36
C GLU B 55 1.81 9.07 -21.02
N GLU B 56 2.15 9.67 -19.89
CA GLU B 56 3.55 9.89 -19.53
C GLU B 56 3.72 9.66 -18.06
N THR B 57 4.88 9.19 -17.65
CA THR B 57 5.12 8.88 -16.25
C THR B 57 6.28 9.69 -15.67
N VAL B 58 6.23 9.96 -14.36
CA VAL B 58 7.30 10.66 -13.65
C VAL B 58 8.19 9.56 -13.08
N PHE B 59 9.46 9.56 -13.47
CA PHE B 59 10.36 8.53 -12.97
C PHE B 59 10.93 8.96 -11.63
N TYR B 60 10.47 8.34 -10.56
CA TYR B 60 10.95 8.74 -9.26
C TYR B 60 10.93 7.55 -8.34
N GLY B 61 11.94 7.46 -7.47
CA GLY B 61 11.95 6.47 -6.41
C GLY B 61 13.08 5.46 -6.37
N LEU B 62 13.72 5.25 -7.52
CA LEU B 62 14.81 4.27 -7.66
C LEU B 62 15.96 4.57 -6.69
N GLN B 63 16.37 5.83 -6.57
CA GLN B 63 17.48 6.28 -5.71
C GLN B 63 17.30 5.85 -4.25
N TYR B 64 16.07 5.96 -3.73
CA TYR B 64 15.69 5.51 -2.38
C TYR B 64 16.03 4.01 -2.20
N ILE B 65 15.54 3.19 -3.16
CA ILE B 65 15.75 1.71 -3.20
C ILE B 65 17.25 1.36 -3.25
N LEU B 66 18.01 1.98 -4.20
CA LEU B 66 19.45 1.74 -4.33
C LEU B 66 20.21 2.00 -3.02
N ASN B 67 19.88 3.10 -2.34
CA ASN B 67 20.55 3.47 -1.09
C ASN B 67 20.12 2.67 0.11
N LYS B 68 18.80 2.46 0.28
CA LYS B 68 18.30 1.74 1.45
C LYS B 68 18.57 0.25 1.41
N TYR B 69 18.49 -0.36 0.21
CA TYR B 69 18.53 -1.81 0.10
C TYR B 69 19.66 -2.43 -0.70
N LEU B 70 20.19 -1.75 -1.74
CA LEU B 70 21.13 -2.44 -2.63
C LEU B 70 22.59 -2.13 -2.47
N LYS B 71 22.94 -0.95 -1.91
CA LYS B 71 24.33 -0.50 -1.85
C LYS B 71 25.11 -1.07 -0.67
N GLY B 72 26.43 -1.11 -0.83
CA GLY B 72 27.36 -1.55 0.20
C GLY B 72 27.36 -3.05 0.40
N LYS B 73 27.82 -3.47 1.58
CA LYS B 73 27.90 -4.89 1.97
C LYS B 73 26.50 -5.36 2.32
N VAL B 74 25.84 -5.99 1.37
CA VAL B 74 24.47 -6.46 1.58
C VAL B 74 24.43 -7.96 1.93
N VAL B 75 25.57 -8.64 1.82
CA VAL B 75 25.70 -10.07 2.09
C VAL B 75 26.70 -10.28 3.22
N THR B 76 26.32 -11.08 4.23
CA THR B 76 27.18 -11.47 5.35
C THR B 76 27.04 -12.99 5.53
N LYS B 77 27.96 -13.63 6.32
CA LYS B 77 27.85 -15.06 6.61
C LYS B 77 26.56 -15.36 7.36
N GLU B 78 26.15 -14.44 8.27
CA GLU B 78 24.94 -14.54 9.09
C GLU B 78 23.67 -14.48 8.23
N LYS B 79 23.66 -13.61 7.21
CA LYS B 79 22.51 -13.47 6.30
C LYS B 79 22.34 -14.70 5.43
N ILE B 80 23.48 -15.30 4.96
CA ILE B 80 23.45 -16.51 4.15
C ILE B 80 22.85 -17.65 4.98
N GLN B 81 23.34 -17.80 6.24
CA GLN B 81 22.88 -18.83 7.17
C GLN B 81 21.41 -18.67 7.52
N GLU B 82 20.94 -17.42 7.80
CA GLU B 82 19.54 -17.11 8.11
C GLU B 82 18.65 -17.55 6.93
N ALA B 83 19.00 -17.12 5.69
CA ALA B 83 18.25 -17.44 4.47
C ALA B 83 18.21 -18.96 4.25
N LYS B 84 19.37 -19.65 4.41
CA LYS B 84 19.46 -21.11 4.25
C LYS B 84 18.45 -21.83 5.13
N ASP B 85 18.37 -21.45 6.42
CA ASP B 85 17.48 -22.05 7.43
C ASP B 85 16.02 -21.77 7.14
N VAL B 86 15.71 -20.55 6.66
CA VAL B 86 14.34 -20.15 6.33
C VAL B 86 13.87 -20.94 5.09
N TYR B 87 14.67 -20.91 4.00
CA TYR B 87 14.32 -21.62 2.77
C TYR B 87 14.20 -23.13 2.94
N LYS B 88 15.04 -23.74 3.79
CA LYS B 88 14.95 -25.20 4.05
C LYS B 88 13.54 -25.59 4.54
N GLU B 89 12.98 -24.80 5.47
CA GLU B 89 11.63 -25.01 6.02
C GLU B 89 10.53 -24.52 5.08
N HIS B 90 10.76 -23.40 4.39
CA HIS B 90 9.77 -22.80 3.48
C HIS B 90 9.50 -23.69 2.28
N PHE B 91 10.56 -24.31 1.72
CA PHE B 91 10.43 -25.24 0.60
C PHE B 91 10.34 -26.70 1.01
N GLN B 92 10.70 -27.02 2.29
CA GLN B 92 10.77 -28.40 2.79
C GLN B 92 11.83 -29.15 1.95
N ASP B 93 12.87 -28.40 1.53
CA ASP B 93 13.97 -28.84 0.67
C ASP B 93 15.12 -27.82 0.70
N ASP B 94 16.31 -28.22 0.19
CA ASP B 94 17.53 -27.41 0.18
C ASP B 94 17.84 -26.96 -1.26
N VAL B 95 17.02 -26.05 -1.80
CA VAL B 95 17.14 -25.52 -3.17
C VAL B 95 17.88 -24.17 -3.21
N PHE B 96 18.19 -23.62 -2.06
CA PHE B 96 18.85 -22.33 -1.86
C PHE B 96 20.32 -22.29 -2.36
N ASN B 97 20.62 -21.33 -3.25
CA ASN B 97 21.95 -21.16 -3.83
C ASN B 97 22.98 -20.56 -2.84
N GLU B 98 23.37 -21.36 -1.84
CA GLU B 98 24.36 -20.94 -0.84
C GLU B 98 25.70 -20.63 -1.49
N LYS B 99 26.13 -21.46 -2.48
CA LYS B 99 27.39 -21.30 -3.22
C LYS B 99 27.47 -19.96 -3.96
N GLY B 100 26.42 -19.60 -4.70
CA GLY B 100 26.33 -18.33 -5.41
C GLY B 100 26.46 -17.11 -4.51
N TRP B 101 25.77 -17.15 -3.36
CA TRP B 101 25.79 -16.05 -2.37
C TRP B 101 27.12 -15.99 -1.63
N ASN B 102 27.71 -17.16 -1.32
CA ASN B 102 29.04 -17.22 -0.70
C ASN B 102 30.10 -16.65 -1.64
N TYR B 103 29.94 -16.85 -2.98
CA TYR B 103 30.82 -16.31 -4.01
C TYR B 103 30.85 -14.76 -3.96
N ILE B 104 29.66 -14.14 -3.88
CA ILE B 104 29.49 -12.69 -3.76
C ILE B 104 30.17 -12.16 -2.48
N LEU B 105 29.94 -12.83 -1.36
CA LEU B 105 30.57 -12.47 -0.11
C LEU B 105 32.13 -12.57 -0.17
N GLU B 106 32.67 -13.66 -0.74
CA GLU B 106 34.12 -13.87 -0.80
C GLU B 106 34.83 -13.00 -1.84
N LYS B 107 34.28 -12.91 -3.07
CA LYS B 107 34.88 -12.15 -4.15
C LYS B 107 34.69 -10.64 -4.04
N TYR B 108 33.50 -10.21 -3.64
CA TYR B 108 33.17 -8.79 -3.63
C TYR B 108 32.87 -8.19 -2.27
N ASP B 109 33.20 -8.90 -1.17
CA ASP B 109 32.93 -8.45 0.20
C ASP B 109 31.46 -8.04 0.39
N GLY B 110 30.55 -8.88 -0.13
CA GLY B 110 29.11 -8.73 -0.04
C GLY B 110 28.50 -7.62 -0.86
N HIS B 111 29.25 -7.06 -1.82
CA HIS B 111 28.78 -5.99 -2.73
C HIS B 111 28.20 -6.64 -3.97
N LEU B 112 27.03 -6.18 -4.43
CA LEU B 112 26.38 -6.76 -5.60
C LEU B 112 27.06 -6.47 -6.93
N PRO B 113 27.53 -7.53 -7.65
CA PRO B 113 28.12 -7.29 -8.98
C PRO B 113 27.02 -7.12 -10.04
N ILE B 114 26.31 -6.00 -9.93
CA ILE B 114 25.19 -5.57 -10.77
C ILE B 114 25.50 -4.17 -11.31
N GLU B 115 25.03 -3.89 -12.54
CA GLU B 115 25.09 -2.55 -13.12
C GLU B 115 23.66 -2.13 -13.45
N ILE B 116 23.21 -0.98 -12.89
CA ILE B 116 21.89 -0.41 -13.16
C ILE B 116 22.05 0.92 -13.89
N LYS B 117 21.41 1.07 -15.07
CA LYS B 117 21.40 2.29 -15.87
C LYS B 117 19.95 2.79 -15.78
N ALA B 118 19.76 4.09 -15.56
CA ALA B 118 18.42 4.68 -15.43
C ALA B 118 18.32 6.07 -16.04
N VAL B 119 17.09 6.44 -16.44
CA VAL B 119 16.72 7.76 -16.91
C VAL B 119 16.80 8.67 -15.63
N PRO B 120 17.18 9.97 -15.74
CA PRO B 120 17.32 10.78 -14.52
C PRO B 120 16.01 10.92 -13.75
N GLU B 121 16.09 10.93 -12.43
CA GLU B 121 14.90 11.07 -11.61
C GLU B 121 14.19 12.41 -11.80
N GLY B 122 12.86 12.35 -11.83
CA GLY B 122 12.00 13.49 -12.10
C GLY B 122 11.61 13.53 -13.57
N PHE B 123 12.35 12.80 -14.44
CA PHE B 123 12.08 12.77 -15.88
C PHE B 123 10.65 12.34 -16.18
N VAL B 124 10.04 13.01 -17.14
CA VAL B 124 8.66 12.75 -17.54
C VAL B 124 8.74 12.07 -18.91
N ILE B 125 8.47 10.78 -18.94
CA ILE B 125 8.65 9.94 -20.13
C ILE B 125 7.36 9.33 -20.60
N PRO B 126 7.06 9.31 -21.91
CA PRO B 126 5.87 8.59 -22.37
C PRO B 126 5.90 7.09 -22.05
N ARG B 127 4.70 6.49 -21.96
CA ARG B 127 4.56 5.06 -21.69
C ARG B 127 5.25 4.22 -22.79
N GLY B 128 5.76 3.05 -22.39
CA GLY B 128 6.38 2.08 -23.29
C GLY B 128 7.83 2.35 -23.60
N ASN B 129 8.49 3.10 -22.76
CA ASN B 129 9.92 3.41 -22.91
C ASN B 129 10.73 2.78 -21.79
N VAL B 130 11.98 2.39 -22.07
CA VAL B 130 12.89 1.83 -21.06
C VAL B 130 13.13 2.93 -20.02
N LEU B 131 13.01 2.57 -18.74
CA LEU B 131 13.22 3.54 -17.67
C LEU B 131 14.52 3.23 -16.93
N PHE B 132 14.80 1.94 -16.77
CA PHE B 132 16.04 1.47 -16.17
C PHE B 132 16.34 0.07 -16.68
N THR B 133 17.62 -0.32 -16.66
CA THR B 133 18.10 -1.65 -17.07
C THR B 133 18.99 -2.19 -15.96
N VAL B 134 19.03 -3.53 -15.83
CA VAL B 134 19.81 -4.25 -14.81
C VAL B 134 20.54 -5.38 -15.52
N GLU B 135 21.80 -5.58 -15.17
CA GLU B 135 22.61 -6.69 -15.70
C GLU B 135 23.68 -7.04 -14.69
N ASN B 136 24.10 -8.31 -14.67
CA ASN B 136 25.18 -8.75 -13.81
C ASN B 136 26.52 -8.33 -14.45
N THR B 137 27.53 -8.02 -13.62
CA THR B 137 28.86 -7.62 -14.10
C THR B 137 29.88 -8.77 -13.99
N ASP B 138 29.48 -9.88 -13.34
CA ASP B 138 30.29 -11.09 -13.19
C ASP B 138 29.52 -12.26 -13.81
N PRO B 139 30.16 -13.07 -14.71
CA PRO B 139 29.45 -14.23 -15.31
C PRO B 139 28.85 -15.21 -14.33
N GLU B 140 29.47 -15.38 -13.16
CA GLU B 140 28.99 -16.27 -12.11
C GLU B 140 27.66 -15.79 -11.50
N CYS B 141 27.34 -14.49 -11.65
CA CYS B 141 26.17 -13.91 -11.01
C CYS B 141 25.05 -13.60 -11.96
N TYR B 142 24.93 -14.40 -13.02
CA TYR B 142 23.87 -14.32 -14.05
C TYR B 142 22.45 -14.36 -13.39
N TRP B 143 22.31 -15.12 -12.28
CA TRP B 143 21.05 -15.33 -11.56
C TRP B 143 20.65 -14.10 -10.70
N LEU B 144 21.61 -13.18 -10.41
CA LEU B 144 21.37 -12.02 -9.54
C LEU B 144 20.47 -10.97 -10.16
N THR B 145 20.55 -10.77 -11.49
CA THR B 145 19.75 -9.77 -12.21
C THR B 145 18.27 -9.86 -11.83
N ASN B 146 17.67 -11.04 -12.00
CA ASN B 146 16.25 -11.21 -11.71
C ASN B 146 15.97 -11.52 -10.24
N TRP B 147 16.99 -11.80 -9.42
CA TRP B 147 16.78 -11.99 -7.98
C TRP B 147 16.22 -10.68 -7.38
N ILE B 148 16.81 -9.55 -7.76
CA ILE B 148 16.46 -8.20 -7.26
C ILE B 148 15.30 -7.58 -8.04
N GLU B 149 14.65 -8.34 -8.93
CA GLU B 149 13.47 -7.82 -9.63
C GLU B 149 12.41 -7.39 -8.63
N THR B 150 12.10 -8.22 -7.61
CA THR B 150 11.04 -7.92 -6.65
C THR B 150 11.22 -6.56 -5.96
N ILE B 151 12.42 -6.29 -5.45
CA ILE B 151 12.77 -5.03 -4.76
C ILE B 151 12.69 -3.83 -5.74
N LEU B 152 13.19 -3.98 -6.96
CA LEU B 152 13.23 -2.89 -7.95
C LEU B 152 11.87 -2.62 -8.54
N VAL B 153 11.03 -3.65 -8.71
CA VAL B 153 9.68 -3.49 -9.29
C VAL B 153 8.81 -2.64 -8.37
N GLN B 154 9.13 -2.62 -7.06
CA GLN B 154 8.42 -1.79 -6.08
C GLN B 154 8.55 -0.30 -6.36
N SER B 155 9.44 0.08 -7.32
CA SER B 155 9.61 1.45 -7.79
C SER B 155 8.26 1.85 -8.44
N TRP B 156 7.42 0.85 -8.80
CA TRP B 156 6.10 1.18 -9.43
C TRP B 156 5.35 2.18 -8.54
N TYR B 157 5.49 2.03 -7.21
CA TYR B 157 4.69 2.78 -6.25
C TYR B 157 5.07 4.26 -6.23
N PRO B 158 6.33 4.69 -5.98
CA PRO B 158 6.62 6.15 -6.06
C PRO B 158 6.44 6.71 -7.47
N ILE B 159 6.64 5.89 -8.52
CA ILE B 159 6.41 6.35 -9.90
C ILE B 159 4.91 6.69 -10.10
N THR B 160 4.01 5.81 -9.66
CA THR B 160 2.58 5.96 -9.84
C THR B 160 2.03 7.12 -8.97
N VAL B 161 2.51 7.23 -7.72
CA VAL B 161 2.07 8.32 -6.82
C VAL B 161 2.50 9.64 -7.48
N ALA B 162 3.80 9.74 -7.88
CA ALA B 162 4.29 10.97 -8.53
C ALA B 162 3.51 11.31 -9.80
N THR B 163 3.24 10.33 -10.65
CA THR B 163 2.54 10.51 -11.94
C THR B 163 1.09 10.96 -11.70
N ASN B 164 0.35 10.24 -10.83
CA ASN B 164 -1.04 10.55 -10.53
C ASN B 164 -1.18 11.94 -9.87
N SER B 165 -0.26 12.27 -8.97
CA SER B 165 -0.25 13.57 -8.29
C SER B 165 0.02 14.68 -9.33
N ARG B 166 0.94 14.45 -10.29
CA ARG B 166 1.28 15.45 -11.35
C ARG B 166 0.09 15.61 -12.30
N GLU B 167 -0.62 14.50 -12.56
CA GLU B 167 -1.83 14.57 -13.41
C GLU B 167 -2.91 15.43 -12.74
N GLN B 168 -2.97 15.42 -11.40
CA GLN B 168 -3.94 16.26 -10.66
C GLN B 168 -3.51 17.71 -10.68
N LYS B 169 -2.19 17.95 -10.66
CA LYS B 169 -1.60 19.28 -10.78
C LYS B 169 -1.96 19.89 -12.12
N LYS B 170 -1.95 19.09 -13.20
CA LYS B 170 -2.31 19.52 -14.56
C LYS B 170 -3.74 20.02 -14.59
N ILE B 171 -4.68 19.28 -13.98
CA ILE B 171 -6.11 19.69 -13.91
C ILE B 171 -6.25 20.99 -13.10
N LEU B 172 -5.58 21.05 -11.95
CA LEU B 172 -5.64 22.21 -11.06
C LEU B 172 -5.06 23.44 -11.75
N ALA B 173 -3.94 23.26 -12.49
CA ALA B 173 -3.28 24.35 -13.21
C ALA B 173 -4.20 24.90 -14.30
N LYS B 174 -4.85 24.02 -15.05
CA LYS B 174 -5.76 24.40 -16.12
C LYS B 174 -6.94 25.29 -15.62
N TYR B 175 -7.61 24.86 -14.54
CA TYR B 175 -8.77 25.53 -13.96
C TYR B 175 -8.40 26.77 -13.16
N LEU B 176 -7.27 26.75 -12.48
CA LEU B 176 -6.78 27.88 -11.77
C LEU B 176 -6.38 29.00 -12.78
N LEU B 177 -5.64 28.65 -13.86
CA LEU B 177 -5.26 29.60 -14.92
C LEU B 177 -6.54 30.19 -15.54
N GLU B 178 -7.53 29.35 -15.87
CA GLU B 178 -8.79 29.81 -16.46
C GLU B 178 -9.58 30.74 -15.55
N THR B 179 -9.76 30.38 -14.28
CA THR B 179 -10.60 31.18 -13.39
C THR B 179 -9.91 32.37 -12.70
N SER B 180 -8.56 32.39 -12.61
CA SER B 180 -7.80 33.43 -11.90
C SER B 180 -6.82 34.23 -12.78
N GLY B 181 -6.41 33.65 -13.91
CA GLY B 181 -5.43 34.29 -14.79
C GLY B 181 -3.99 34.02 -14.42
N ASN B 182 -3.74 33.18 -13.42
CA ASN B 182 -2.37 32.85 -13.01
C ASN B 182 -2.32 31.51 -12.26
N LEU B 183 -1.10 31.09 -11.80
CA LEU B 183 -0.90 29.84 -11.08
C LEU B 183 -0.46 30.07 -9.65
N ASP B 184 -0.79 31.23 -9.07
CA ASP B 184 -0.40 31.54 -7.69
C ASP B 184 -1.03 30.54 -6.72
N GLY B 185 -0.19 29.98 -5.88
CA GLY B 185 -0.58 29.03 -4.86
C GLY B 185 -0.90 27.63 -5.36
N LEU B 186 -0.59 27.31 -6.63
CA LEU B 186 -0.84 26.00 -7.23
C LEU B 186 -0.23 24.86 -6.41
N GLU B 187 1.04 25.01 -6.01
CA GLU B 187 1.80 23.99 -5.27
C GLU B 187 1.25 23.70 -3.85
N TYR B 188 0.22 24.45 -3.41
CA TYR B 188 -0.39 24.25 -2.09
C TYR B 188 -1.85 23.78 -2.23
N LYS B 189 -2.32 23.60 -3.47
CA LYS B 189 -3.73 23.27 -3.74
C LYS B 189 -4.12 21.80 -3.57
N LEU B 190 -3.14 20.90 -3.50
CA LEU B 190 -3.43 19.47 -3.28
C LEU B 190 -2.58 19.03 -2.10
N HIS B 191 -3.21 18.90 -0.94
CA HIS B 191 -2.57 18.54 0.32
C HIS B 191 -2.69 17.04 0.62
N ASP B 192 -1.58 16.46 1.08
CA ASP B 192 -1.55 15.06 1.42
C ASP B 192 -2.14 14.81 2.81
N PHE B 193 -3.30 14.10 2.84
CA PHE B 193 -4.03 13.71 4.05
C PHE B 193 -3.95 12.19 4.28
N GLY B 194 -3.07 11.51 3.53
CA GLY B 194 -3.02 10.06 3.43
C GLY B 194 -2.31 9.20 4.45
N TYR B 195 -1.68 9.79 5.47
CA TYR B 195 -0.93 9.02 6.45
C TYR B 195 -1.70 7.78 7.05
N ARG B 196 -2.90 7.99 7.58
CA ARG B 196 -3.68 6.91 8.19
C ARG B 196 -4.22 5.86 7.21
N GLY B 197 -4.44 6.29 5.96
CA GLY B 197 -5.04 5.50 4.90
C GLY B 197 -4.11 4.63 4.10
N VAL B 198 -2.80 4.66 4.41
CA VAL B 198 -1.81 3.80 3.72
C VAL B 198 -1.58 2.50 4.48
N SER B 199 -0.95 1.53 3.82
CA SER B 199 -0.77 0.22 4.35
C SER B 199 0.33 0.09 5.42
N SER B 200 1.27 1.02 5.45
CA SER B 200 2.39 0.96 6.43
C SER B 200 3.09 2.31 6.60
N GLN B 201 3.98 2.39 7.60
CA GLN B 201 4.81 3.57 7.85
C GLN B 201 5.78 3.79 6.68
N GLU B 202 6.38 2.69 6.16
CA GLU B 202 7.32 2.83 5.05
C GLU B 202 6.61 3.35 3.79
N THR B 203 5.43 2.81 3.49
CA THR B 203 4.62 3.28 2.34
C THR B 203 4.31 4.78 2.51
N ALA B 204 3.98 5.20 3.76
CA ALA B 204 3.65 6.61 4.00
C ALA B 204 4.79 7.50 3.60
N GLY B 205 6.02 7.20 4.04
CA GLY B 205 7.18 8.02 3.68
C GLY B 205 7.42 8.05 2.19
N ILE B 206 7.40 6.86 1.54
CA ILE B 206 7.66 6.79 0.10
C ILE B 206 6.59 7.56 -0.67
N GLY B 207 5.33 7.27 -0.35
CA GLY B 207 4.20 7.90 -1.02
C GLY B 207 4.18 9.40 -0.80
N ALA B 208 4.37 9.84 0.46
CA ALA B 208 4.34 11.29 0.71
C ALA B 208 5.47 12.02 -0.02
N SER B 209 6.65 11.37 -0.17
CA SER B 209 7.78 11.98 -0.85
C SER B 209 7.49 12.13 -2.35
N ALA B 210 6.80 11.14 -2.96
CA ALA B 210 6.42 11.17 -4.38
C ALA B 210 5.39 12.27 -4.66
N HIS B 211 4.48 12.51 -3.70
CA HIS B 211 3.52 13.64 -3.85
C HIS B 211 4.29 15.00 -3.79
N LEU B 212 5.32 15.06 -2.94
CA LEU B 212 6.17 16.26 -2.79
C LEU B 212 6.99 16.60 -4.03
N VAL B 213 7.06 15.70 -5.00
CA VAL B 213 7.71 15.99 -6.28
C VAL B 213 6.93 17.13 -6.98
N ASN B 214 5.59 17.15 -6.80
CA ASN B 214 4.71 18.10 -7.50
C ASN B 214 4.13 19.24 -6.62
N PHE B 215 3.94 18.98 -5.34
CA PHE B 215 3.31 19.90 -4.38
C PHE B 215 4.16 20.14 -3.16
N LYS B 216 3.76 21.14 -2.35
CA LYS B 216 4.48 21.51 -1.13
C LYS B 216 3.67 21.30 0.15
N GLY B 217 2.40 20.91 0.02
CA GLY B 217 1.54 20.70 1.17
C GLY B 217 1.39 19.26 1.56
N THR B 218 1.74 18.95 2.80
CA THR B 218 1.69 17.58 3.32
C THR B 218 1.46 17.54 4.83
N ASP B 219 0.72 16.54 5.29
CA ASP B 219 0.52 16.20 6.71
C ASP B 219 1.19 14.87 7.02
N THR B 220 1.74 14.23 5.99
CA THR B 220 2.43 12.95 6.16
C THR B 220 3.88 13.28 6.46
N VAL B 221 4.17 13.50 7.74
CA VAL B 221 5.49 13.87 8.30
C VAL B 221 6.63 12.95 7.80
N ALA B 222 6.34 11.64 7.70
CA ALA B 222 7.26 10.58 7.26
C ALA B 222 8.01 10.90 5.95
N GLY B 223 7.33 11.57 5.01
CA GLY B 223 7.91 11.98 3.74
C GLY B 223 9.09 12.95 3.84
N LEU B 224 9.08 13.82 4.86
CA LEU B 224 10.13 14.83 5.07
C LEU B 224 11.50 14.20 5.37
N ALA B 225 11.55 13.22 6.29
CA ALA B 225 12.80 12.56 6.68
C ALA B 225 13.38 11.73 5.54
N LEU B 226 12.49 11.11 4.74
CA LEU B 226 12.92 10.30 3.60
C LEU B 226 13.66 11.21 2.57
N ILE B 227 13.07 12.37 2.24
CA ILE B 227 13.65 13.31 1.26
C ILE B 227 15.02 13.81 1.76
N LYS B 228 15.07 14.24 3.02
CA LYS B 228 16.27 14.74 3.70
C LYS B 228 17.43 13.69 3.60
N LYS B 229 17.16 12.43 3.95
CA LYS B 229 18.14 11.35 3.98
C LYS B 229 18.55 10.82 2.60
N TYR B 230 17.61 10.70 1.64
CA TYR B 230 17.93 10.08 0.36
C TYR B 230 18.08 11.02 -0.82
N TYR B 231 17.48 12.22 -0.76
CA TYR B 231 17.51 13.13 -1.91
C TYR B 231 18.12 14.50 -1.60
N GLY B 232 17.62 15.17 -0.57
CA GLY B 232 18.10 16.47 -0.12
C GLY B 232 17.49 17.66 -0.84
N THR B 233 17.16 18.72 -0.07
CA THR B 233 16.64 19.99 -0.59
C THR B 233 17.49 21.17 -0.04
N LYS B 234 17.58 22.27 -0.82
CA LYS B 234 18.28 23.50 -0.42
C LYS B 234 17.54 24.10 0.81
N ASP B 235 16.19 24.14 0.74
CA ASP B 235 15.29 24.56 1.82
C ASP B 235 15.35 23.59 3.00
N PRO B 236 15.09 24.03 4.25
CA PRO B 236 15.16 23.11 5.41
C PRO B 236 14.20 21.91 5.36
N VAL B 237 13.00 22.09 4.75
CA VAL B 237 11.99 21.04 4.56
C VAL B 237 11.35 21.11 3.16
N PRO B 238 10.97 19.96 2.55
CA PRO B 238 10.32 20.01 1.22
C PRO B 238 8.79 20.25 1.29
N GLY B 239 8.21 20.14 2.48
CA GLY B 239 6.76 20.25 2.66
C GLY B 239 6.29 20.96 3.91
N TYR B 240 5.12 21.56 3.81
CA TYR B 240 4.52 22.39 4.85
C TYR B 240 3.08 22.04 5.21
N SER B 241 2.68 22.41 6.44
CA SER B 241 1.32 22.22 6.94
C SER B 241 0.84 23.43 7.74
N VAL B 242 -0.46 23.52 7.98
CA VAL B 242 -1.10 24.56 8.80
C VAL B 242 -1.81 23.88 9.98
N PRO B 243 -2.05 24.60 11.10
CA PRO B 243 -2.85 24.01 12.18
C PRO B 243 -4.24 23.71 11.63
N ALA B 244 -4.87 22.65 12.13
CA ALA B 244 -6.16 22.23 11.62
C ALA B 244 -6.83 21.39 12.69
N ALA B 245 -8.16 21.47 12.77
CA ALA B 245 -8.97 20.72 13.71
C ALA B 245 -9.34 19.35 13.10
N GLU B 246 -9.73 18.42 13.95
CA GLU B 246 -10.27 17.13 13.58
C GLU B 246 -11.59 17.03 14.31
N HIS B 247 -12.41 16.02 13.99
CA HIS B 247 -13.69 15.85 14.67
C HIS B 247 -13.56 15.75 16.17
N SER B 248 -12.55 15.01 16.65
CA SER B 248 -12.32 14.91 18.09
C SER B 248 -12.11 16.26 18.79
N THR B 249 -11.44 17.25 18.15
CA THR B 249 -11.21 18.54 18.88
C THR B 249 -12.44 19.44 18.89
N ILE B 250 -13.41 19.18 18.00
CA ILE B 250 -14.68 19.90 18.00
C ILE B 250 -15.70 19.17 18.94
N THR B 251 -15.90 17.87 18.68
CA THR B 251 -16.90 17.06 19.38
C THR B 251 -16.65 16.96 20.89
N ALA B 252 -15.37 17.02 21.32
CA ALA B 252 -15.01 16.95 22.75
C ALA B 252 -15.65 18.08 23.58
N TRP B 253 -16.03 19.21 22.93
CA TRP B 253 -16.69 20.36 23.59
C TRP B 253 -18.15 20.06 23.90
N GLY B 254 -18.70 19.05 23.23
CA GLY B 254 -20.08 18.63 23.41
C GLY B 254 -20.95 19.12 22.28
N LYS B 255 -22.01 18.36 22.00
CA LYS B 255 -23.01 18.60 20.94
C LYS B 255 -23.53 20.07 20.89
N ASP B 256 -23.79 20.69 22.06
CA ASP B 256 -24.32 22.06 22.18
C ASP B 256 -23.26 23.16 22.23
N HIS B 257 -21.98 22.81 22.17
CA HIS B 257 -20.91 23.80 22.29
C HIS B 257 -19.98 23.87 21.08
N GLU B 258 -20.51 23.61 19.87
CA GLU B 258 -19.73 23.66 18.63
C GLU B 258 -19.20 25.11 18.37
N LYS B 259 -20.04 26.12 18.67
CA LYS B 259 -19.66 27.53 18.56
C LYS B 259 -18.44 27.82 19.47
N ASP B 260 -18.47 27.30 20.70
CA ASP B 260 -17.39 27.49 21.71
C ASP B 260 -16.09 26.86 21.24
N ALA B 261 -16.18 25.64 20.63
CA ALA B 261 -15.02 24.94 20.09
C ALA B 261 -14.41 25.84 19.02
N PHE B 262 -15.23 26.26 18.02
CA PHE B 262 -14.80 27.10 16.91
C PHE B 262 -14.14 28.38 17.37
N GLU B 263 -14.81 29.10 18.31
CA GLU B 263 -14.30 30.34 18.86
C GLU B 263 -12.92 30.12 19.53
N HIS B 264 -12.79 29.07 20.36
CA HIS B 264 -11.51 28.74 21.03
C HIS B 264 -10.40 28.46 20.04
N ILE B 265 -10.69 27.66 19.01
CA ILE B 265 -9.69 27.26 18.01
C ILE B 265 -9.19 28.46 17.19
N VAL B 266 -10.11 29.26 16.64
CA VAL B 266 -9.71 30.42 15.82
C VAL B 266 -8.98 31.47 16.72
N THR B 267 -9.27 31.54 18.03
CA THR B 267 -8.58 32.47 18.93
C THR B 267 -7.16 31.93 19.24
N GLN B 268 -7.01 30.61 19.46
CA GLN B 268 -5.70 29.98 19.67
C GLN B 268 -4.80 30.17 18.45
N PHE B 269 -5.38 30.15 17.24
CA PHE B 269 -4.62 30.31 16.00
C PHE B 269 -5.08 31.58 15.24
N SER B 270 -5.18 32.71 15.95
CA SER B 270 -5.66 33.99 15.40
C SER B 270 -4.73 34.63 14.36
N SER B 271 -3.41 34.38 14.45
CA SER B 271 -2.37 34.98 13.60
C SER B 271 -1.77 34.06 12.53
N VAL B 272 -2.19 32.79 12.51
CA VAL B 272 -1.72 31.83 11.49
C VAL B 272 -2.94 31.26 10.76
N PRO B 273 -2.80 30.67 9.53
CA PRO B 273 -3.97 30.08 8.88
C PRO B 273 -4.45 28.89 9.71
N VAL B 274 -5.76 28.65 9.73
CA VAL B 274 -6.32 27.55 10.52
C VAL B 274 -7.46 26.94 9.76
N SER B 275 -7.44 25.61 9.68
CA SER B 275 -8.47 24.83 9.05
C SER B 275 -9.38 24.32 10.13
N VAL B 276 -10.67 24.44 9.92
CA VAL B 276 -11.63 24.00 10.94
C VAL B 276 -12.71 23.14 10.29
N VAL B 277 -12.73 21.85 10.68
CA VAL B 277 -13.73 20.90 10.23
C VAL B 277 -15.09 21.36 10.74
N SER B 278 -16.05 21.54 9.84
CA SER B 278 -17.31 22.17 10.25
C SER B 278 -18.55 21.34 10.03
N ASP B 279 -18.40 20.04 9.70
CA ASP B 279 -19.50 19.14 9.40
C ASP B 279 -19.84 18.16 10.51
N SER B 280 -19.26 18.31 11.73
CA SER B 280 -19.53 17.39 12.85
C SER B 280 -21.01 17.10 13.02
N TYR B 281 -21.87 18.13 12.92
CA TYR B 281 -23.32 17.98 13.12
C TYR B 281 -24.12 18.44 11.93
N ASP B 282 -23.86 19.67 11.44
CA ASP B 282 -24.55 20.25 10.30
C ASP B 282 -23.66 21.29 9.66
N ILE B 283 -22.98 20.91 8.58
CA ILE B 283 -22.07 21.81 7.84
C ILE B 283 -22.72 23.11 7.39
N TYR B 284 -23.96 23.03 6.91
CA TYR B 284 -24.66 24.17 6.35
C TYR B 284 -25.06 25.16 7.43
N ASN B 285 -25.43 24.67 8.61
CA ASN B 285 -25.75 25.49 9.78
C ASN B 285 -24.47 26.12 10.31
N ALA B 286 -23.34 25.35 10.38
CA ALA B 286 -22.06 25.90 10.87
C ALA B 286 -21.61 27.05 9.97
N CYS B 287 -21.74 26.90 8.64
CA CYS B 287 -21.37 27.93 7.68
C CYS B 287 -22.30 29.14 7.76
N GLU B 288 -23.61 28.91 7.73
CA GLU B 288 -24.56 30.01 7.74
C GLU B 288 -24.77 30.72 9.09
N LYS B 289 -24.90 29.96 10.17
CA LYS B 289 -25.19 30.57 11.48
C LYS B 289 -23.99 30.74 12.40
N ILE B 290 -23.05 29.76 12.44
CA ILE B 290 -21.93 29.88 13.39
C ILE B 290 -20.84 30.78 12.81
N TRP B 291 -20.26 30.41 11.68
CA TRP B 291 -19.23 31.24 11.03
C TRP B 291 -19.87 32.47 10.42
N GLY B 292 -21.05 32.28 9.82
CA GLY B 292 -21.73 33.34 9.08
C GLY B 292 -22.37 34.42 9.91
N GLU B 293 -22.69 34.15 11.18
CA GLU B 293 -23.37 35.12 12.03
C GLU B 293 -22.69 35.28 13.39
N ASP B 294 -22.79 34.25 14.27
CA ASP B 294 -22.26 34.27 15.65
C ASP B 294 -20.78 34.57 15.75
N LEU B 295 -19.96 34.01 14.85
CA LEU B 295 -18.51 34.19 14.91
C LEU B 295 -17.94 35.01 13.78
N ARG B 296 -18.81 35.59 12.95
CA ARG B 296 -18.39 36.40 11.79
C ARG B 296 -17.41 37.51 12.12
N HIS B 297 -17.56 38.16 13.31
CA HIS B 297 -16.67 39.24 13.76
C HIS B 297 -15.22 38.77 14.00
N LEU B 298 -15.03 37.48 14.30
CA LEU B 298 -13.70 36.91 14.55
C LEU B 298 -13.04 36.47 13.24
N ILE B 299 -13.84 36.38 12.15
CA ILE B 299 -13.36 35.92 10.86
C ILE B 299 -12.94 37.13 9.99
N VAL B 300 -13.84 38.13 9.85
CA VAL B 300 -13.59 39.35 9.04
C VAL B 300 -12.37 40.18 9.51
N SER B 301 -11.93 40.00 10.76
CA SER B 301 -10.79 40.69 11.36
C SER B 301 -9.45 39.98 11.07
N ARG B 302 -9.50 38.77 10.48
CA ARG B 302 -8.27 37.99 10.19
C ARG B 302 -7.44 38.52 9.05
N SER B 303 -6.14 38.29 9.14
CA SER B 303 -5.14 38.67 8.15
C SER B 303 -5.26 37.78 6.91
N THR B 304 -4.77 38.31 5.77
CA THR B 304 -4.69 37.67 4.47
C THR B 304 -3.69 36.49 4.51
N GLN B 305 -2.70 36.55 5.42
CA GLN B 305 -1.68 35.50 5.62
C GLN B 305 -2.17 34.48 6.66
N ALA B 306 -3.38 34.69 7.21
CA ALA B 306 -3.91 33.82 8.27
C ALA B 306 -5.42 33.61 8.07
N PRO B 307 -5.86 33.10 6.91
CA PRO B 307 -7.31 32.91 6.73
C PRO B 307 -7.87 31.78 7.60
N LEU B 308 -9.20 31.76 7.70
CA LEU B 308 -9.94 30.65 8.24
C LEU B 308 -10.21 29.80 6.99
N ILE B 309 -9.89 28.53 7.09
CA ILE B 309 -10.12 27.58 6.04
C ILE B 309 -11.27 26.66 6.54
N ILE B 310 -12.45 26.81 5.93
CA ILE B 310 -13.58 25.99 6.34
C ILE B 310 -13.43 24.59 5.71
N ARG B 311 -13.61 23.51 6.53
CA ARG B 311 -13.48 22.17 5.98
C ARG B 311 -14.75 21.31 6.04
N PRO B 312 -15.50 21.14 4.93
CA PRO B 312 -16.57 20.14 4.92
C PRO B 312 -15.89 18.73 4.81
N ASP B 313 -16.52 17.69 5.35
CA ASP B 313 -15.88 16.37 5.33
C ASP B 313 -16.86 15.19 5.09
N SER B 314 -18.03 15.47 4.53
CA SER B 314 -19.05 14.44 4.30
C SER B 314 -20.00 14.94 3.22
N GLY B 315 -20.84 14.05 2.73
CA GLY B 315 -21.80 14.36 1.67
C GLY B 315 -21.18 14.19 0.31
N ASN B 316 -21.93 14.52 -0.74
CA ASN B 316 -21.45 14.47 -2.11
C ASN B 316 -20.38 15.56 -2.21
N PRO B 317 -19.10 15.21 -2.54
CA PRO B 317 -18.03 16.25 -2.56
C PRO B 317 -18.34 17.50 -3.38
N LEU B 318 -18.88 17.37 -4.59
CA LEU B 318 -19.23 18.54 -5.42
C LEU B 318 -20.44 19.31 -4.89
N ASP B 319 -21.54 18.62 -4.55
CA ASP B 319 -22.75 19.30 -4.08
C ASP B 319 -22.46 20.06 -2.79
N THR B 320 -21.66 19.45 -1.89
CA THR B 320 -21.30 20.08 -0.63
C THR B 320 -20.49 21.33 -0.86
N VAL B 321 -19.44 21.24 -1.71
CA VAL B 321 -18.56 22.38 -2.04
C VAL B 321 -19.35 23.55 -2.59
N LEU B 322 -20.24 23.30 -3.56
CA LEU B 322 -21.05 24.34 -4.17
C LEU B 322 -22.01 25.00 -3.20
N LYS B 323 -22.64 24.21 -2.31
CA LYS B 323 -23.59 24.73 -1.34
C LYS B 323 -22.86 25.54 -0.26
N VAL B 324 -21.67 25.09 0.17
CA VAL B 324 -20.88 25.80 1.17
C VAL B 324 -20.47 27.17 0.58
N LEU B 325 -20.02 27.21 -0.70
CA LEU B 325 -19.62 28.46 -1.36
C LEU B 325 -20.80 29.40 -1.50
N GLU B 326 -22.01 28.87 -1.86
CA GLU B 326 -23.20 29.70 -2.00
C GLU B 326 -23.60 30.31 -0.66
N ILE B 327 -23.52 29.54 0.42
CA ILE B 327 -23.79 30.03 1.76
C ILE B 327 -22.80 31.15 2.12
N LEU B 328 -21.49 30.85 2.03
CA LEU B 328 -20.44 31.80 2.40
C LEU B 328 -20.50 33.07 1.60
N GLY B 329 -20.81 32.95 0.32
CA GLY B 329 -20.95 34.08 -0.58
C GLY B 329 -22.09 35.00 -0.19
N LYS B 330 -23.08 34.49 0.57
CA LYS B 330 -24.21 35.31 1.00
C LYS B 330 -23.98 35.92 2.38
N LYS B 331 -22.97 35.44 3.13
CA LYS B 331 -22.66 35.96 4.47
C LYS B 331 -21.44 36.86 4.47
N PHE B 332 -20.58 36.71 3.47
CA PHE B 332 -19.33 37.43 3.39
C PHE B 332 -19.19 38.26 2.10
N PRO B 333 -18.37 39.33 2.12
CA PRO B 333 -18.23 40.17 0.92
C PRO B 333 -17.48 39.51 -0.27
N VAL B 334 -18.23 39.10 -1.28
CA VAL B 334 -17.64 38.44 -2.44
C VAL B 334 -17.25 39.47 -3.51
N THR B 335 -16.04 39.34 -4.06
CA THR B 335 -15.58 40.20 -5.14
C THR B 335 -15.58 39.40 -6.45
N GLU B 336 -15.43 40.10 -7.58
CA GLU B 336 -15.37 39.51 -8.91
C GLU B 336 -13.96 39.79 -9.42
N ASN B 337 -13.18 38.73 -9.71
CA ASN B 337 -11.80 38.91 -10.17
C ASN B 337 -11.78 39.36 -11.64
N SER B 338 -10.58 39.61 -12.19
CA SER B 338 -10.38 40.12 -13.56
C SER B 338 -10.89 39.17 -14.65
N LYS B 339 -11.13 37.88 -14.27
CA LYS B 339 -11.62 36.88 -15.23
C LYS B 339 -13.14 36.73 -15.16
N GLY B 340 -13.77 37.39 -14.20
CA GLY B 340 -15.22 37.38 -13.98
C GLY B 340 -15.66 36.30 -13.01
N TYR B 341 -14.73 35.74 -12.23
CA TYR B 341 -15.05 34.68 -11.27
C TYR B 341 -15.12 35.20 -9.87
N LYS B 342 -16.04 34.65 -9.09
CA LYS B 342 -16.29 35.04 -7.72
C LYS B 342 -15.17 34.62 -6.81
N LEU B 343 -14.83 35.50 -5.91
CA LEU B 343 -13.74 35.30 -4.99
C LEU B 343 -14.16 35.67 -3.58
N LEU B 344 -13.99 34.73 -2.65
CA LEU B 344 -14.27 34.96 -1.24
C LEU B 344 -13.28 36.01 -0.74
N PRO B 345 -13.57 36.71 0.39
CA PRO B 345 -12.57 37.65 0.92
C PRO B 345 -11.28 36.91 1.30
N PRO B 346 -10.13 37.60 1.37
CA PRO B 346 -8.86 36.88 1.60
C PRO B 346 -8.70 36.21 2.96
N TYR B 347 -9.50 36.54 3.95
CA TYR B 347 -9.40 35.91 5.27
C TYR B 347 -10.25 34.60 5.33
N LEU B 348 -10.87 34.20 4.20
CA LEU B 348 -11.75 33.04 4.16
C LEU B 348 -11.50 32.13 2.94
N ARG B 349 -11.22 30.86 3.20
CA ARG B 349 -11.02 29.83 2.15
C ARG B 349 -11.75 28.55 2.53
N VAL B 350 -11.74 27.58 1.62
CA VAL B 350 -12.39 26.27 1.79
C VAL B 350 -11.37 25.18 1.38
N ILE B 351 -11.45 24.02 2.04
CA ILE B 351 -10.65 22.85 1.72
C ILE B 351 -11.60 21.66 1.69
N GLN B 352 -11.66 20.95 0.57
CA GLN B 352 -12.48 19.74 0.44
C GLN B 352 -11.48 18.59 0.65
N GLY B 353 -11.60 17.90 1.78
CA GLY B 353 -10.69 16.82 2.15
C GLY B 353 -11.31 15.43 2.30
N ASP B 354 -12.53 15.24 1.78
CA ASP B 354 -13.22 13.96 1.80
C ASP B 354 -13.50 13.50 0.37
N GLY B 355 -13.24 12.21 0.09
CA GLY B 355 -13.49 11.60 -1.20
C GLY B 355 -12.83 12.23 -2.42
N VAL B 356 -11.62 12.80 -2.22
CA VAL B 356 -10.86 13.43 -3.31
C VAL B 356 -9.91 12.42 -3.96
N ASP B 357 -10.13 12.21 -5.25
CA ASP B 357 -9.28 11.40 -6.10
C ASP B 357 -9.20 12.17 -7.43
N ILE B 358 -8.46 11.65 -8.43
CA ILE B 358 -8.30 12.39 -9.67
C ILE B 358 -9.65 12.67 -10.39
N ASN B 359 -10.63 11.75 -10.27
CA ASN B 359 -11.93 11.92 -10.92
C ASN B 359 -12.82 12.94 -10.24
N THR B 360 -12.89 12.92 -8.90
CA THR B 360 -13.74 13.87 -8.17
C THR B 360 -13.09 15.27 -8.17
N LEU B 361 -11.76 15.37 -8.12
CA LEU B 361 -11.06 16.67 -8.20
C LEU B 361 -11.50 17.41 -9.48
N GLN B 362 -11.49 16.69 -10.60
CA GLN B 362 -11.93 17.15 -11.92
C GLN B 362 -13.42 17.57 -11.93
N GLU B 363 -14.31 16.78 -11.33
CA GLU B 363 -15.74 17.09 -11.26
C GLU B 363 -15.97 18.36 -10.41
N ILE B 364 -15.21 18.53 -9.32
CA ILE B 364 -15.36 19.69 -8.45
C ILE B 364 -14.90 20.96 -9.15
N VAL B 365 -13.68 20.97 -9.73
CA VAL B 365 -13.19 22.22 -10.37
C VAL B 365 -14.07 22.63 -11.56
N GLU B 366 -14.57 21.65 -12.36
CA GLU B 366 -15.46 21.91 -13.47
C GLU B 366 -16.81 22.48 -12.97
N GLY B 367 -17.33 21.91 -11.89
CA GLY B 367 -18.59 22.35 -11.26
C GLY B 367 -18.48 23.73 -10.65
N MET B 368 -17.31 24.05 -10.09
CA MET B 368 -17.02 25.38 -9.54
C MET B 368 -16.97 26.42 -10.68
N LYS B 369 -16.28 26.08 -11.77
CA LYS B 369 -16.14 26.96 -12.94
C LYS B 369 -17.51 27.25 -13.57
N GLN B 370 -18.39 26.22 -13.63
CA GLN B 370 -19.76 26.36 -14.19
C GLN B 370 -20.61 27.30 -13.33
N LYS B 371 -20.35 27.31 -12.01
CA LYS B 371 -21.05 28.19 -11.06
C LYS B 371 -20.30 29.51 -10.82
N MET B 372 -19.29 29.83 -11.68
CA MET B 372 -18.49 31.06 -11.70
C MET B 372 -17.67 31.30 -10.43
N TRP B 373 -17.23 30.22 -9.77
CA TRP B 373 -16.39 30.32 -8.57
C TRP B 373 -14.93 30.09 -8.95
N SER B 374 -14.07 30.99 -8.49
CA SER B 374 -12.66 30.86 -8.76
C SER B 374 -12.04 29.69 -8.01
N ILE B 375 -11.11 28.96 -8.68
CA ILE B 375 -10.38 27.87 -8.05
C ILE B 375 -9.46 28.42 -6.95
N GLU B 376 -9.19 29.76 -6.93
CA GLU B 376 -8.36 30.31 -5.84
C GLU B 376 -9.06 30.18 -4.47
N ASN B 377 -10.39 29.95 -4.48
CA ASN B 377 -11.19 29.79 -3.26
C ASN B 377 -10.95 28.49 -2.51
N ILE B 378 -10.47 27.45 -3.22
CA ILE B 378 -10.41 26.09 -2.73
C ILE B 378 -9.05 25.44 -2.79
N ALA B 379 -8.84 24.50 -1.88
CA ALA B 379 -7.70 23.60 -1.84
C ALA B 379 -8.33 22.21 -1.64
N PHE B 380 -7.57 21.18 -1.96
CA PHE B 380 -8.04 19.82 -1.81
C PHE B 380 -7.12 19.07 -0.89
N GLY B 381 -7.69 18.23 -0.08
CA GLY B 381 -6.97 17.31 0.79
C GLY B 381 -7.31 15.93 0.28
N SER B 382 -6.29 15.11 -0.05
CA SER B 382 -6.53 13.76 -0.56
C SER B 382 -5.75 12.75 0.26
N GLY B 383 -6.44 11.67 0.68
CA GLY B 383 -5.86 10.63 1.51
C GLY B 383 -5.60 9.36 0.72
N GLY B 384 -6.52 8.39 0.82
CA GLY B 384 -6.45 7.13 0.10
C GLY B 384 -6.37 7.29 -1.42
N GLY B 385 -7.07 8.29 -1.96
CA GLY B 385 -7.05 8.56 -3.41
C GLY B 385 -5.65 8.91 -3.89
N LEU B 386 -4.90 9.65 -3.07
CA LEU B 386 -3.56 10.11 -3.41
C LEU B 386 -2.45 9.06 -3.23
N LEU B 387 -2.46 8.35 -2.08
CA LEU B 387 -1.42 7.40 -1.70
C LEU B 387 -1.77 5.91 -1.67
N GLN B 388 -3.06 5.53 -1.54
CA GLN B 388 -3.38 4.11 -1.39
C GLN B 388 -4.14 3.44 -2.57
N LYS B 389 -5.10 4.14 -3.15
CA LYS B 389 -5.95 3.61 -4.21
C LYS B 389 -5.21 3.59 -5.56
N LEU B 390 -4.08 2.88 -5.60
CA LEU B 390 -3.22 2.76 -6.79
C LEU B 390 -2.67 1.36 -6.82
N THR B 391 -2.47 0.83 -8.03
CA THR B 391 -1.90 -0.49 -8.21
C THR B 391 -0.88 -0.48 -9.30
N ARG B 392 -0.10 -1.56 -9.39
CA ARG B 392 0.90 -1.72 -10.44
C ARG B 392 0.24 -1.81 -11.83
N ASP B 393 -1.08 -2.06 -11.88
CA ASP B 393 -1.84 -2.15 -13.14
C ASP B 393 -2.16 -0.80 -13.78
N LEU B 394 -2.20 0.30 -13.00
CA LEU B 394 -2.50 1.63 -13.51
C LEU B 394 -1.50 2.10 -14.62
N LEU B 395 -0.18 1.97 -14.40
CA LEU B 395 0.85 2.32 -15.42
C LEU B 395 1.47 1.07 -16.06
N ASN B 396 1.02 -0.13 -15.66
CA ASN B 396 1.56 -1.39 -16.19
C ASN B 396 3.07 -1.50 -16.08
N CYS B 397 3.59 -1.20 -14.90
CA CYS B 397 5.01 -1.27 -14.54
C CYS B 397 5.44 -2.71 -14.56
N SER B 398 6.46 -3.01 -15.35
CA SER B 398 6.88 -4.38 -15.60
C SER B 398 8.40 -4.47 -15.78
N PHE B 399 8.97 -5.55 -15.28
CA PHE B 399 10.39 -5.82 -15.34
C PHE B 399 10.53 -7.12 -16.11
N LYS B 400 11.27 -7.09 -17.23
CA LYS B 400 11.40 -8.28 -18.09
C LYS B 400 12.81 -8.48 -18.59
N CYS B 401 13.21 -9.74 -18.77
CA CYS B 401 14.50 -10.08 -19.35
C CYS B 401 14.40 -9.83 -20.84
N SER B 402 15.37 -9.09 -21.40
CA SER B 402 15.37 -8.83 -22.85
C SER B 402 16.64 -9.32 -23.55
N TYR B 403 17.69 -9.68 -22.80
CA TYR B 403 18.94 -10.08 -23.43
C TYR B 403 19.68 -11.01 -22.55
N VAL B 404 20.23 -12.07 -23.16
CA VAL B 404 21.02 -13.07 -22.42
C VAL B 404 22.25 -13.47 -23.22
N VAL B 405 23.30 -13.87 -22.53
CA VAL B 405 24.51 -14.41 -23.18
C VAL B 405 24.65 -15.84 -22.67
N THR B 406 24.61 -16.82 -23.59
CA THR B 406 24.73 -18.25 -23.31
C THR B 406 25.78 -18.81 -24.29
N ASN B 407 26.83 -19.46 -23.74
CA ASN B 407 27.97 -20.00 -24.50
C ASN B 407 28.69 -18.88 -25.30
N GLY B 408 28.79 -17.70 -24.68
CA GLY B 408 29.42 -16.52 -25.27
C GLY B 408 28.64 -15.86 -26.39
N LEU B 409 27.42 -16.35 -26.68
CA LEU B 409 26.60 -15.80 -27.74
C LEU B 409 25.34 -15.13 -27.16
N GLY B 410 25.22 -13.84 -27.45
CA GLY B 410 24.11 -13.01 -27.01
C GLY B 410 22.88 -13.27 -27.84
N ILE B 411 21.71 -13.42 -27.18
CA ILE B 411 20.43 -13.63 -27.87
C ILE B 411 19.38 -12.63 -27.32
N ASN B 412 18.55 -12.11 -28.22
CA ASN B 412 17.49 -11.15 -27.89
C ASN B 412 16.30 -11.97 -27.45
N VAL B 413 15.92 -11.80 -26.20
CA VAL B 413 14.91 -12.54 -25.43
C VAL B 413 13.62 -11.70 -25.23
N PHE B 414 12.44 -12.35 -25.23
CA PHE B 414 11.17 -11.62 -25.04
C PHE B 414 10.01 -12.59 -24.85
N LYS B 415 8.89 -12.06 -24.36
CA LYS B 415 7.67 -12.83 -24.27
C LYS B 415 6.71 -12.18 -25.23
N ASP B 416 5.77 -12.96 -25.78
CA ASP B 416 4.78 -12.45 -26.72
C ASP B 416 3.52 -13.32 -26.59
N PRO B 417 2.75 -13.19 -25.49
CA PRO B 417 1.58 -14.08 -25.29
C PRO B 417 0.53 -13.95 -26.38
N VAL B 418 0.06 -15.07 -26.92
CA VAL B 418 -0.94 -15.11 -28.01
C VAL B 418 -2.24 -14.33 -27.64
N ALA B 419 -2.75 -14.51 -26.43
CA ALA B 419 -4.00 -13.88 -26.01
C ALA B 419 -3.88 -12.44 -25.51
N ASP B 420 -2.64 -11.92 -25.35
CA ASP B 420 -2.46 -10.55 -24.90
C ASP B 420 -1.26 -9.84 -25.58
N PRO B 421 -1.50 -9.22 -26.74
CA PRO B 421 -0.42 -8.45 -27.43
C PRO B 421 0.19 -7.31 -26.60
N ASN B 422 -0.56 -6.76 -25.63
CA ASN B 422 -0.06 -5.69 -24.77
C ASN B 422 1.04 -6.18 -23.84
N LYS B 423 1.11 -7.51 -23.59
CA LYS B 423 2.12 -8.11 -22.72
C LYS B 423 3.42 -8.45 -23.47
N ARG B 424 3.51 -8.13 -24.78
CA ARG B 424 4.75 -8.37 -25.51
C ARG B 424 5.88 -7.52 -24.92
N SER B 425 7.03 -8.14 -24.66
CA SER B 425 8.17 -7.44 -24.08
C SER B 425 9.21 -7.03 -25.15
N LYS B 426 10.12 -6.09 -24.81
CA LYS B 426 11.13 -5.58 -25.75
C LYS B 426 12.28 -6.59 -25.91
N LYS B 427 12.95 -6.55 -27.06
CA LYS B 427 14.04 -7.49 -27.40
C LYS B 427 15.39 -6.83 -27.39
N GLY B 428 16.34 -7.55 -26.81
CA GLY B 428 17.75 -7.21 -26.78
C GLY B 428 18.18 -6.09 -25.88
N ARG B 429 19.37 -5.57 -26.17
CA ARG B 429 19.94 -4.46 -25.43
C ARG B 429 19.18 -3.20 -25.79
N LEU B 430 18.77 -2.47 -24.76
CA LEU B 430 17.94 -1.29 -24.92
C LEU B 430 18.68 -0.01 -24.67
N SER B 431 18.19 1.02 -25.34
CA SER B 431 18.73 2.35 -25.32
C SER B 431 17.59 3.37 -25.45
N LEU B 432 17.63 4.46 -24.67
CA LEU B 432 16.65 5.55 -24.74
C LEU B 432 17.30 6.75 -25.47
N HIS B 433 16.62 7.26 -26.49
CA HIS B 433 17.14 8.38 -27.30
C HIS B 433 16.13 9.48 -27.50
N ARG B 434 16.65 10.65 -27.87
CA ARG B 434 15.89 11.83 -28.23
C ARG B 434 15.65 11.66 -29.71
N THR B 435 14.42 11.85 -30.19
CA THR B 435 14.13 11.75 -31.64
C THR B 435 14.47 13.14 -32.30
N PRO B 436 14.49 13.28 -33.66
CA PRO B 436 14.76 14.62 -34.23
C PRO B 436 13.74 15.69 -33.83
N ALA B 437 12.46 15.32 -33.53
CA ALA B 437 11.43 16.27 -33.08
C ALA B 437 11.49 16.54 -31.56
N GLY B 438 12.49 15.99 -30.88
CA GLY B 438 12.69 16.18 -29.44
C GLY B 438 11.88 15.25 -28.57
N ASN B 439 11.35 14.16 -29.14
CA ASN B 439 10.58 13.19 -28.35
C ASN B 439 11.48 12.05 -27.85
N PHE B 440 10.91 11.03 -27.26
CA PHE B 440 11.68 9.91 -26.77
C PHE B 440 11.43 8.70 -27.63
N VAL B 441 12.45 7.85 -27.76
CA VAL B 441 12.35 6.58 -28.48
C VAL B 441 13.25 5.57 -27.80
N THR B 442 12.74 4.35 -27.58
CA THR B 442 13.51 3.24 -27.08
C THR B 442 13.98 2.47 -28.31
N LEU B 443 15.30 2.24 -28.42
CA LEU B 443 15.88 1.43 -29.49
C LEU B 443 16.16 0.05 -28.94
N GLU B 444 15.73 -0.95 -29.68
CA GLU B 444 15.84 -2.36 -29.31
C GLU B 444 16.99 -3.04 -30.09
N GLU B 445 17.31 -4.28 -29.72
CA GLU B 445 18.30 -5.16 -30.38
C GLU B 445 19.71 -4.53 -30.49
N GLY B 446 20.06 -3.67 -29.53
CA GLY B 446 21.35 -2.99 -29.48
C GLY B 446 21.54 -1.97 -30.59
N LYS B 447 20.45 -1.61 -31.32
CA LYS B 447 20.48 -0.65 -32.44
C LYS B 447 20.99 0.74 -32.04
N GLY B 448 20.98 1.04 -30.74
CA GLY B 448 21.54 2.28 -30.19
C GLY B 448 23.04 2.40 -30.46
N ASP B 449 23.71 1.24 -30.69
CA ASP B 449 25.15 1.13 -31.01
C ASP B 449 25.48 1.81 -32.34
N LEU B 450 24.51 1.81 -33.28
CA LEU B 450 24.62 2.58 -34.52
C LEU B 450 24.44 4.02 -34.02
N GLU B 451 25.26 4.96 -34.45
CA GLU B 451 25.15 6.30 -33.88
C GLU B 451 24.06 7.18 -34.57
N GLU B 452 22.96 6.53 -34.99
CA GLU B 452 21.87 7.18 -35.74
C GLU B 452 20.97 8.10 -34.92
N TYR B 453 20.87 7.88 -33.59
CA TYR B 453 19.98 8.68 -32.74
C TYR B 453 20.72 9.38 -31.60
N GLY B 454 22.03 9.54 -31.75
CA GLY B 454 22.83 10.20 -30.72
C GLY B 454 23.07 9.37 -29.46
N GLN B 455 23.21 10.06 -28.33
CA GLN B 455 23.55 9.47 -27.04
C GLN B 455 22.38 8.81 -26.27
N ASP B 456 22.68 7.70 -25.62
CA ASP B 456 21.72 7.00 -24.74
C ASP B 456 21.48 7.94 -23.57
N LEU B 457 20.21 8.17 -23.23
CA LEU B 457 19.74 9.04 -22.15
C LEU B 457 19.79 8.32 -20.77
N LEU B 458 20.07 7.01 -20.72
CA LEU B 458 20.16 6.36 -19.41
C LEU B 458 21.59 6.54 -18.95
N HIS B 459 21.79 6.67 -17.64
CA HIS B 459 23.09 6.81 -16.99
C HIS B 459 23.27 5.67 -16.00
N THR B 460 24.51 5.20 -15.82
CA THR B 460 24.86 4.20 -14.81
C THR B 460 24.60 4.89 -13.44
N VAL B 461 23.66 4.35 -12.65
CA VAL B 461 23.30 4.90 -11.33
C VAL B 461 23.78 3.96 -10.25
N PHE B 462 24.11 2.72 -10.62
CA PHE B 462 24.59 1.73 -9.67
C PHE B 462 25.53 0.80 -10.38
N LYS B 463 26.66 0.53 -9.74
CA LYS B 463 27.64 -0.41 -10.28
C LYS B 463 28.45 -1.01 -9.15
N ASN B 464 28.41 -2.36 -9.02
CA ASN B 464 29.20 -3.14 -8.06
C ASN B 464 29.11 -2.66 -6.61
N GLY B 465 27.88 -2.45 -6.15
CA GLY B 465 27.60 -2.06 -4.79
C GLY B 465 27.67 -0.58 -4.48
N LYS B 466 27.97 0.24 -5.49
CA LYS B 466 28.08 1.69 -5.31
C LYS B 466 27.07 2.46 -6.14
N VAL B 467 26.50 3.50 -5.53
CA VAL B 467 25.60 4.45 -6.20
C VAL B 467 26.56 5.41 -6.94
N THR B 468 26.47 5.44 -8.27
CA THR B 468 27.40 6.18 -9.12
C THR B 468 26.89 7.50 -9.65
N LYS B 469 25.59 7.74 -9.50
CA LYS B 469 24.93 8.96 -9.97
C LYS B 469 23.72 9.17 -9.09
N SER B 470 23.58 10.38 -8.54
CA SER B 470 22.51 10.77 -7.62
C SER B 470 21.89 12.10 -8.02
N TYR B 471 20.64 12.33 -7.59
CA TYR B 471 19.91 13.56 -7.90
C TYR B 471 19.38 14.15 -6.64
N SER B 472 19.41 15.48 -6.54
CA SER B 472 18.84 16.15 -5.38
C SER B 472 17.32 16.23 -5.60
N PHE B 473 16.57 16.44 -4.56
CA PHE B 473 15.11 16.57 -4.68
C PHE B 473 14.76 17.84 -5.45
N ASP B 474 15.66 18.84 -5.45
CA ASP B 474 15.50 20.07 -6.22
C ASP B 474 15.56 19.80 -7.73
N GLU B 475 16.50 18.95 -8.17
CA GLU B 475 16.65 18.55 -9.58
C GLU B 475 15.43 17.79 -10.04
N ILE B 476 14.98 16.84 -9.20
CA ILE B 476 13.79 16.02 -9.47
C ILE B 476 12.54 16.90 -9.72
N ARG B 477 12.27 17.89 -8.84
CA ARG B 477 11.15 18.83 -8.96
C ARG B 477 11.21 19.61 -10.27
N LYS B 478 12.43 20.07 -10.62
CA LYS B 478 12.66 20.81 -11.87
C LYS B 478 12.39 19.89 -13.05
N ASN B 479 12.87 18.63 -13.00
CA ASN B 479 12.60 17.73 -14.12
C ASN B 479 11.11 17.41 -14.28
N ALA B 480 10.36 17.41 -13.16
CA ALA B 480 8.95 17.04 -13.15
C ALA B 480 7.96 18.19 -13.35
N GLN B 481 8.46 19.41 -13.60
CA GLN B 481 7.66 20.61 -13.80
C GLN B 481 6.67 20.45 -14.96
N LEU B 482 5.52 21.11 -14.89
CA LEU B 482 4.55 21.05 -15.98
C LEU B 482 5.06 22.01 -17.07
N ASN B 483 4.68 21.80 -18.34
CA ASN B 483 5.03 22.73 -19.45
C ASN B 483 4.44 24.11 -19.14
N ILE B 484 3.21 24.12 -18.59
CA ILE B 484 2.36 25.25 -18.20
C ILE B 484 3.07 26.19 -17.20
N1 8HY C . -0.04 -24.82 -4.89
C4 8HY C . 1.27 -23.58 -6.51
C5 8HY C . 1.49 -23.26 -7.84
C6 8HY C . 2.37 -22.24 -8.18
C7 8HY C . 0.12 -24.50 -6.18
C8 8HY C . -1.09 -25.71 -4.40
C10 8HY C . 0.34 -27.73 -5.08
C13 8HY C . 1.78 -31.04 -3.86
C15 8HY C . -0.28 -31.48 -5.00
C17 8HY C . 5.16 -18.04 -7.48
C20 8HY C . 5.33 -14.21 -7.88
C21 8HY C . 5.01 -14.15 -9.22
C22 8HY C . 4.76 -15.30 -9.94
C24 8HY C . 4.70 -17.92 -9.88
O1 8HY C . -0.60 -24.96 -7.07
C9 8HY C . -1.07 -27.12 -4.99
C11 8HY C . 0.50 -29.21 -4.80
C16 8HY C . -0.44 -30.13 -5.24
C14 8HY C . 0.82 -31.94 -4.31
C12 8HY C . 1.61 -29.69 -4.11
C3 8HY C . 2.11 -23.02 -5.55
C2 8HY C . 3.02 -22.03 -5.88
C1 8HY C . 3.13 -21.60 -7.20
N 8HY C . 3.98 -20.52 -7.55
C 8HY C . 4.12 -19.91 -8.76
O 8HY C . 3.55 -20.25 -9.80
N2 8HY C . 4.88 -18.78 -8.70
C23 8HY C . 4.83 -16.55 -9.30
C18 8HY C . 5.14 -16.61 -7.95
C19 8HY C . 5.40 -15.44 -7.23
N1 8HY D . -3.87 24.98 2.10
C4 8HY D . -5.02 23.72 3.82
C5 8HY D . -6.22 23.43 4.47
C6 8HY D . -6.29 22.42 5.41
C7 8HY D . -5.04 24.71 2.69
C8 8HY D . -3.69 25.95 1.04
C10 8HY D . -3.64 27.82 2.80
C13 8HY D . -2.06 31.07 3.97
C15 8HY D . -3.66 31.58 2.27
C17 8HY D . -4.85 18.06 7.81
C20 8HY D . -5.27 14.24 7.64
C21 8HY D . -6.64 14.19 7.82
C22 8HY D . -7.37 15.36 7.96
C24 8HY D . -7.28 17.98 8.06
O1 8HY D . -6.09 25.26 2.36
C9 8HY D . -4.12 27.38 1.41
C11 8HY D . -3.35 29.29 2.97
C16 8HY D . -3.99 30.24 2.18
C14 8HY D . -2.69 32.00 3.17
C12 8HY D . -2.38 29.72 3.87
C3 8HY D . -3.87 23.06 4.24
C2 8HY D . -3.93 22.07 5.20
C1 8HY D . -5.15 21.70 5.76
N 8HY D . -5.24 20.56 6.59
C 8HY D . -6.37 19.99 7.13
O 8HY D . -7.50 20.41 6.99
N2 8HY D . -6.11 18.82 7.77
C23 8HY D . -6.71 16.60 7.93
C18 8HY D . -5.33 16.64 7.76
C19 8HY D . -4.61 15.45 7.62
#